data_4Z7H
#
_entry.id   4Z7H
#
_cell.length_a   78.678
_cell.length_b   81.957
_cell.length_c   168.682
_cell.angle_alpha   90.00
_cell.angle_beta   90.00
_cell.angle_gamma   90.00
#
_symmetry.space_group_name_H-M   'P 21 21 21'
#
loop_
_entity.id
_entity.type
_entity.pdbx_description
1 polymer 'Serine/threonine-protein kinase/endoribonuclease IRE1'
2 non-polymer 2-methoxy-4-[6-(propan-2-ylamino)imidazo[1,2-b]pyridazin-3-yl]benzamide
3 non-polymer 'SULFATE ION'
4 water water
#
_entity_poly.entity_id   1
_entity_poly.type   'polypeptide(L)'
_entity_poly.pdbx_seq_one_letter_code
;SVVIVGKISFCPKDVLGHGAEGTIVYRGMFDNRDVAVKRILPECFSFADREVQLLRESDEHPNVIRYFCTEKDRQFQYIA
IELCAATLQEYVEQKDFAHLGLEPITLLQQTTSGLAHLHSLNIVHRDLKPHNILISMPNAHGKIKAMISDFGLCKKLAVG
RHSFSRRSGVPGTEGWIAPEMLSEDCKENPTYTVDIFSAGCVFYYVISEGSHPFGKSLQRQANILLGACSLDCLHPEKHE
DVIARELIEKMIAMDPQKRPSAKHVLKHPFFWSLEKQLQFFQDVSDRIEKESLDGPIVKQLERGGRAVVKMDWRENITVP
LQTDLRKFRTYKGGSVRDLLRAMRNKKHHYRELPAEVRETLGSLPDDFVCYFTSRFPHLLAHTYRAMELCSHERLFQPYY
FHEPPEPQPPVTPDAL
;
_entity_poly.pdbx_strand_id   A,B
#
# COMPACT_ATOMS: atom_id res chain seq x y z
N SER A 1 19.18 -19.31 -34.49
CA SER A 1 20.21 -19.41 -33.46
C SER A 1 19.97 -18.47 -32.26
N VAL A 2 20.36 -18.92 -31.04
CA VAL A 2 20.21 -18.20 -29.78
C VAL A 2 21.52 -18.19 -28.97
N VAL A 3 21.66 -17.20 -28.07
CA VAL A 3 22.79 -17.05 -27.18
C VAL A 3 22.40 -17.69 -25.85
N ILE A 4 23.21 -18.64 -25.35
CA ILE A 4 22.95 -19.34 -24.09
C ILE A 4 24.18 -19.26 -23.18
N VAL A 5 24.04 -18.54 -22.05
CA VAL A 5 25.05 -18.37 -20.99
C VAL A 5 24.26 -18.71 -19.70
N GLY A 6 23.95 -20.01 -19.54
CA GLY A 6 23.16 -20.61 -18.45
C GLY A 6 23.24 -19.90 -17.11
N LYS A 7 22.09 -19.56 -16.46
CA LYS A 7 20.70 -19.84 -16.86
C LYS A 7 20.09 -18.75 -17.81
N ILE A 8 20.90 -17.72 -18.18
CA ILE A 8 20.52 -16.60 -19.07
C ILE A 8 20.56 -17.06 -20.53
N SER A 9 19.51 -16.74 -21.32
CA SER A 9 19.42 -17.09 -22.75
C SER A 9 18.57 -16.09 -23.55
N PHE A 10 19.13 -15.55 -24.66
CA PHE A 10 18.40 -14.60 -25.51
C PHE A 10 18.65 -14.87 -26.99
N CYS A 11 17.68 -14.51 -27.84
CA CYS A 11 17.80 -14.60 -29.29
C CYS A 11 18.29 -13.22 -29.76
N PRO A 12 19.44 -13.16 -30.45
CA PRO A 12 19.98 -11.85 -30.85
C PRO A 12 19.09 -10.98 -31.72
N LYS A 13 18.07 -11.57 -32.39
CA LYS A 13 17.10 -10.84 -33.24
C LYS A 13 16.20 -9.97 -32.37
N ASP A 14 15.87 -10.46 -31.13
CA ASP A 14 15.00 -9.78 -30.19
C ASP A 14 15.78 -8.75 -29.41
N VAL A 15 15.90 -7.53 -29.96
CA VAL A 15 16.60 -6.41 -29.33
C VAL A 15 15.54 -5.39 -28.86
N LEU A 16 15.53 -5.05 -27.57
CA LEU A 16 14.58 -4.08 -27.00
C LEU A 16 15.03 -2.66 -27.29
N GLY A 17 16.33 -2.44 -27.19
CA GLY A 17 16.96 -1.14 -27.38
C GLY A 17 18.44 -1.15 -27.05
N HIS A 18 18.97 0.02 -26.68
CA HIS A 18 20.39 0.19 -26.42
C HIS A 18 20.74 0.89 -25.08
N GLY A 19 22.01 1.28 -25.01
CA GLY A 19 22.72 2.01 -23.95
C GLY A 19 23.95 2.62 -24.60
N ALA A 20 24.02 3.97 -24.57
CA ALA A 20 25.06 4.81 -25.20
C ALA A 20 26.51 4.32 -25.08
N GLU A 21 26.83 3.62 -23.97
CA GLU A 21 28.16 3.07 -23.67
C GLU A 21 28.59 1.94 -24.63
N GLY A 22 27.61 1.25 -25.21
CA GLY A 22 27.81 0.13 -26.12
C GLY A 22 26.99 -1.06 -25.69
N THR A 23 26.39 -0.96 -24.48
CA THR A 23 25.50 -1.96 -23.92
C THR A 23 24.22 -2.03 -24.76
N ILE A 24 23.67 -3.24 -24.95
CA ILE A 24 22.44 -3.47 -25.70
C ILE A 24 21.51 -4.39 -24.94
N VAL A 25 20.24 -3.96 -24.77
CA VAL A 25 19.18 -4.73 -24.09
C VAL A 25 18.42 -5.59 -25.08
N TYR A 26 18.23 -6.86 -24.74
CA TYR A 26 17.53 -7.88 -25.53
C TYR A 26 16.35 -8.43 -24.73
N ARG A 27 15.44 -9.13 -25.40
CA ARG A 27 14.36 -9.85 -24.72
C ARG A 27 14.94 -11.27 -24.59
N GLY A 28 14.88 -11.82 -23.38
CA GLY A 28 15.45 -13.14 -23.12
C GLY A 28 14.77 -13.90 -22.02
N MET A 29 15.52 -14.82 -21.40
CA MET A 29 15.02 -15.67 -20.36
C MET A 29 16.07 -16.11 -19.37
N PHE A 30 15.66 -16.25 -18.10
CA PHE A 30 16.49 -16.77 -17.01
C PHE A 30 15.61 -17.68 -16.18
N ASP A 31 16.02 -18.95 -16.01
CA ASP A 31 15.31 -19.94 -15.18
C ASP A 31 13.80 -19.99 -15.51
N ASN A 32 13.50 -20.16 -16.81
CA ASN A 32 12.15 -20.23 -17.39
C ASN A 32 11.27 -18.99 -17.06
N ARG A 33 11.92 -17.82 -16.91
CA ARG A 33 11.26 -16.55 -16.63
C ARG A 33 11.58 -15.57 -17.74
N ASP A 34 10.55 -14.89 -18.26
CA ASP A 34 10.72 -13.87 -19.29
C ASP A 34 11.39 -12.66 -18.64
N VAL A 35 12.64 -12.39 -19.06
CA VAL A 35 13.45 -11.30 -18.54
C VAL A 35 13.97 -10.44 -19.70
N ALA A 36 14.61 -9.33 -19.36
CA ALA A 36 15.29 -8.43 -20.30
C ALA A 36 16.78 -8.68 -20.01
N VAL A 37 17.57 -8.98 -21.04
CA VAL A 37 18.99 -9.32 -20.90
C VAL A 37 19.84 -8.15 -21.38
N LYS A 38 20.70 -7.62 -20.51
CA LYS A 38 21.58 -6.50 -20.82
C LYS A 38 22.98 -7.05 -21.13
N ARG A 39 23.54 -6.70 -22.32
CA ARG A 39 24.86 -7.20 -22.77
C ARG A 39 25.89 -6.08 -22.70
N ILE A 40 26.56 -5.98 -21.55
CA ILE A 40 27.52 -4.92 -21.30
C ILE A 40 28.93 -5.33 -21.82
N LEU A 41 29.70 -4.35 -22.32
CA LEU A 41 31.01 -4.51 -22.96
C LEU A 41 32.17 -4.61 -21.98
N PRO A 42 33.34 -5.24 -22.37
CA PRO A 42 34.47 -5.35 -21.44
C PRO A 42 34.98 -4.05 -20.82
N GLU A 43 34.82 -2.92 -21.54
CA GLU A 43 35.26 -1.59 -21.08
C GLU A 43 34.37 -1.14 -19.90
N CYS A 44 33.08 -1.54 -19.93
CA CYS A 44 32.08 -1.17 -18.94
C CYS A 44 31.92 -2.15 -17.77
N PHE A 45 32.77 -3.21 -17.68
CA PHE A 45 32.68 -4.23 -16.61
C PHE A 45 32.61 -3.64 -15.18
N SER A 46 33.27 -2.49 -14.95
CA SER A 46 33.27 -1.76 -13.69
C SER A 46 31.82 -1.32 -13.33
N PHE A 47 31.10 -0.70 -14.30
CA PHE A 47 29.74 -0.21 -14.15
C PHE A 47 28.79 -1.30 -13.76
N ALA A 48 28.79 -2.42 -14.52
CA ALA A 48 27.94 -3.58 -14.25
C ALA A 48 28.15 -4.15 -12.86
N ASP A 49 29.41 -4.25 -12.40
CA ASP A 49 29.74 -4.79 -11.07
C ASP A 49 29.19 -3.90 -9.94
N ARG A 50 29.22 -2.56 -10.11
CA ARG A 50 28.65 -1.59 -9.18
C ARG A 50 27.14 -1.76 -9.24
N GLU A 51 26.59 -1.72 -10.47
CA GLU A 51 25.18 -1.87 -10.81
C GLU A 51 24.54 -3.10 -10.17
N VAL A 52 25.09 -4.31 -10.44
CA VAL A 52 24.58 -5.57 -9.91
C VAL A 52 24.52 -5.58 -8.40
N GLN A 53 25.57 -5.04 -7.72
CA GLN A 53 25.62 -5.04 -6.28
C GLN A 53 24.59 -4.09 -5.68
N LEU A 54 24.49 -2.86 -6.21
CA LEU A 54 23.52 -1.88 -5.69
C LEU A 54 22.10 -2.34 -5.89
N LEU A 55 21.84 -3.10 -6.98
CA LEU A 55 20.53 -3.68 -7.27
C LEU A 55 20.21 -4.79 -6.28
N ARG A 56 21.18 -5.67 -5.96
CA ARG A 56 21.01 -6.73 -4.97
C ARG A 56 20.44 -6.17 -3.64
N GLU A 57 20.92 -4.97 -3.26
CA GLU A 57 20.56 -4.25 -2.04
C GLU A 57 19.21 -3.52 -2.09
N SER A 58 18.75 -3.10 -3.28
CA SER A 58 17.56 -2.26 -3.39
C SER A 58 16.38 -2.76 -4.26
N ASP A 59 16.56 -3.85 -5.05
CA ASP A 59 15.51 -4.37 -5.95
C ASP A 59 14.25 -4.93 -5.25
N GLU A 60 14.29 -5.08 -3.88
CA GLU A 60 13.16 -5.56 -3.10
C GLU A 60 12.03 -4.52 -3.07
N HIS A 61 12.33 -3.24 -3.36
CA HIS A 61 11.28 -2.22 -3.44
C HIS A 61 10.48 -2.45 -4.73
N PRO A 62 9.14 -2.24 -4.74
CA PRO A 62 8.37 -2.48 -5.98
C PRO A 62 8.68 -1.50 -7.12
N ASN A 63 9.14 -0.28 -6.78
CA ASN A 63 9.45 0.73 -7.78
C ASN A 63 10.90 0.74 -8.21
N VAL A 64 11.58 -0.38 -7.97
CA VAL A 64 12.96 -0.61 -8.41
C VAL A 64 12.97 -1.93 -9.14
N ILE A 65 13.45 -1.91 -10.39
CA ILE A 65 13.57 -3.04 -11.32
C ILE A 65 14.16 -4.27 -10.61
N ARG A 66 13.50 -5.41 -10.73
CA ARG A 66 13.95 -6.66 -10.12
C ARG A 66 15.17 -7.22 -10.88
N TYR A 67 16.25 -7.47 -10.14
CA TYR A 67 17.47 -8.02 -10.71
C TYR A 67 17.48 -9.54 -10.50
N PHE A 68 17.92 -10.28 -11.52
CA PHE A 68 17.89 -11.74 -11.43
C PHE A 68 19.25 -12.38 -11.25
N CYS A 69 20.10 -12.25 -12.27
CA CYS A 69 21.41 -12.87 -12.26
C CYS A 69 22.38 -12.10 -13.16
N THR A 70 23.68 -12.41 -13.01
CA THR A 70 24.75 -11.88 -13.85
C THR A 70 25.65 -13.04 -14.26
N GLU A 71 25.99 -13.10 -15.55
CA GLU A 71 26.83 -14.17 -16.11
C GLU A 71 27.77 -13.55 -17.14
N LYS A 72 29.05 -13.96 -17.10
CA LYS A 72 30.10 -13.50 -18.00
C LYS A 72 30.58 -14.63 -18.91
N ASP A 73 30.93 -14.31 -20.16
CA ASP A 73 31.54 -15.28 -21.07
C ASP A 73 32.97 -14.79 -21.40
N ARG A 74 33.57 -15.20 -22.53
CA ARG A 74 34.92 -14.73 -22.89
C ARG A 74 34.91 -13.32 -23.53
N GLN A 75 33.72 -12.74 -23.76
CA GLN A 75 33.57 -11.44 -24.41
C GLN A 75 32.72 -10.40 -23.65
N PHE A 76 31.57 -10.80 -23.10
CA PHE A 76 30.68 -9.85 -22.43
C PHE A 76 30.21 -10.31 -21.04
N GLN A 77 29.56 -9.39 -20.31
CA GLN A 77 28.90 -9.64 -19.03
C GLN A 77 27.42 -9.42 -19.35
N TYR A 78 26.56 -10.28 -18.82
CA TYR A 78 25.12 -10.22 -19.06
C TYR A 78 24.36 -10.03 -17.78
N ILE A 79 23.36 -9.13 -17.81
CA ILE A 79 22.53 -8.83 -16.63
C ILE A 79 21.08 -9.17 -16.95
N ALA A 80 20.50 -10.13 -16.22
CA ALA A 80 19.09 -10.52 -16.36
C ALA A 80 18.31 -9.64 -15.37
N ILE A 81 17.35 -8.88 -15.88
CA ILE A 81 16.57 -7.93 -15.10
C ILE A 81 15.08 -8.11 -15.46
N GLU A 82 14.15 -7.50 -14.70
CA GLU A 82 12.70 -7.60 -14.95
C GLU A 82 12.32 -7.08 -16.37
N LEU A 83 11.48 -7.83 -17.11
CA LEU A 83 11.02 -7.42 -18.44
C LEU A 83 9.77 -6.55 -18.31
N CYS A 84 9.84 -5.30 -18.84
CA CYS A 84 8.76 -4.31 -18.75
C CYS A 84 8.07 -4.05 -20.10
N ALA A 85 6.96 -3.28 -20.07
CA ALA A 85 6.15 -2.92 -21.25
C ALA A 85 6.90 -2.01 -22.19
N ALA A 86 7.40 -0.87 -21.67
CA ALA A 86 8.15 0.17 -22.41
C ALA A 86 8.89 1.11 -21.38
N THR A 87 9.63 2.12 -21.88
CA THR A 87 10.31 3.11 -21.05
C THR A 87 9.34 4.28 -20.86
N LEU A 88 9.73 5.28 -20.05
CA LEU A 88 8.87 6.45 -19.88
C LEU A 88 8.98 7.34 -21.11
N GLN A 89 10.14 7.32 -21.80
CA GLN A 89 10.38 8.08 -23.01
C GLN A 89 9.46 7.58 -24.10
N GLU A 90 9.33 6.26 -24.26
CA GLU A 90 8.42 5.72 -25.29
C GLU A 90 7.00 6.01 -24.87
N TYR A 91 6.68 5.91 -23.56
CA TYR A 91 5.32 6.17 -23.05
C TYR A 91 4.83 7.59 -23.40
N VAL A 92 5.68 8.60 -23.15
CA VAL A 92 5.41 10.03 -23.36
C VAL A 92 5.44 10.40 -24.86
N GLU A 93 6.42 9.84 -25.61
CA GLU A 93 6.60 10.15 -27.03
C GLU A 93 5.67 9.41 -27.99
N GLN A 94 4.78 8.50 -27.46
CA GLN A 94 3.77 7.70 -28.18
C GLN A 94 2.42 7.67 -27.40
N LYS A 95 1.45 8.50 -27.83
CA LYS A 95 0.13 8.65 -27.20
C LYS A 95 -0.87 7.50 -27.54
N ASP A 96 -0.33 6.26 -27.73
CA ASP A 96 -1.05 5.00 -27.97
C ASP A 96 -1.19 4.34 -26.60
N PHE A 97 -0.15 4.51 -25.74
CA PHE A 97 -0.07 4.04 -24.37
C PHE A 97 -1.11 4.77 -23.50
N ALA A 98 -1.71 5.84 -24.04
CA ALA A 98 -2.76 6.63 -23.38
C ALA A 98 -3.96 5.72 -23.11
N HIS A 99 -4.28 4.82 -24.07
CA HIS A 99 -5.36 3.83 -23.99
C HIS A 99 -5.17 2.86 -22.82
N LEU A 100 -3.93 2.80 -22.25
CA LEU A 100 -3.55 2.01 -21.06
C LEU A 100 -4.20 2.64 -19.80
N GLY A 101 -4.66 3.87 -19.94
CA GLY A 101 -5.33 4.65 -18.90
C GLY A 101 -4.51 4.91 -17.67
N LEU A 102 -3.18 5.10 -17.84
CA LEU A 102 -2.26 5.35 -16.75
C LEU A 102 -2.34 6.80 -16.26
N GLU A 103 -2.21 6.98 -14.92
CA GLU A 103 -2.26 8.26 -14.24
C GLU A 103 -0.88 8.91 -14.10
N PRO A 104 -0.66 10.03 -14.83
CA PRO A 104 0.65 10.71 -14.75
C PRO A 104 1.18 10.95 -13.34
N ILE A 105 0.35 11.46 -12.42
CA ILE A 105 0.77 11.77 -11.05
C ILE A 105 1.17 10.50 -10.27
N THR A 106 0.57 9.35 -10.66
CA THR A 106 0.86 8.07 -10.02
C THR A 106 2.19 7.49 -10.51
N LEU A 107 2.54 7.71 -11.79
CA LEU A 107 3.83 7.22 -12.31
C LEU A 107 4.93 7.96 -11.56
N LEU A 108 4.73 9.26 -11.35
CA LEU A 108 5.68 10.13 -10.65
C LEU A 108 5.79 9.79 -9.16
N GLN A 109 4.67 9.32 -8.53
CA GLN A 109 4.66 8.92 -7.12
C GLN A 109 5.51 7.69 -6.97
N GLN A 110 5.32 6.73 -7.89
CA GLN A 110 6.04 5.47 -7.98
C GLN A 110 7.53 5.73 -8.25
N THR A 111 7.84 6.65 -9.16
CA THR A 111 9.22 7.00 -9.49
C THR A 111 9.90 7.67 -8.28
N THR A 112 9.17 8.53 -7.54
CA THR A 112 9.71 9.23 -6.38
C THR A 112 9.86 8.27 -5.21
N SER A 113 8.96 7.28 -5.09
CA SER A 113 8.99 6.25 -4.05
C SER A 113 10.23 5.36 -4.25
N GLY A 114 10.49 4.99 -5.50
CA GLY A 114 11.64 4.18 -5.89
C GLY A 114 12.92 4.92 -5.56
N LEU A 115 12.99 6.22 -5.94
CA LEU A 115 14.11 7.08 -5.65
C LEU A 115 14.31 7.29 -4.13
N ALA A 116 13.20 7.49 -3.38
CA ALA A 116 13.24 7.70 -1.92
C ALA A 116 13.81 6.47 -1.21
N HIS A 117 13.58 5.28 -1.77
CA HIS A 117 14.11 4.04 -1.25
C HIS A 117 15.60 4.03 -1.45
N LEU A 118 16.06 4.40 -2.65
CA LEU A 118 17.49 4.46 -2.95
C LEU A 118 18.22 5.36 -2.00
N HIS A 119 17.73 6.60 -1.86
CA HIS A 119 18.30 7.64 -0.99
C HIS A 119 18.44 7.19 0.47
N SER A 120 17.46 6.42 0.98
CA SER A 120 17.44 5.88 2.36
C SER A 120 18.53 4.82 2.54
N LEU A 121 18.91 4.16 1.45
CA LEU A 121 19.94 3.12 1.43
C LEU A 121 21.33 3.74 1.22
N ASN A 122 21.35 5.09 1.12
CA ASN A 122 22.48 5.98 0.88
C ASN A 122 23.00 5.87 -0.56
N ILE A 123 22.08 5.64 -1.52
CA ILE A 123 22.42 5.51 -2.94
C ILE A 123 21.89 6.70 -3.76
N VAL A 124 22.81 7.40 -4.47
CA VAL A 124 22.50 8.52 -5.38
C VAL A 124 22.53 7.89 -6.79
N HIS A 125 21.50 8.14 -7.61
CA HIS A 125 21.39 7.56 -8.94
C HIS A 125 22.36 8.19 -9.94
N ARG A 126 22.41 9.52 -9.95
CA ARG A 126 23.25 10.38 -10.80
C ARG A 126 22.94 10.27 -12.31
N ASP A 127 21.91 9.48 -12.69
CA ASP A 127 21.52 9.35 -14.11
C ASP A 127 19.98 9.17 -14.35
N LEU A 128 19.15 9.69 -13.45
CA LEU A 128 17.69 9.61 -13.56
C LEU A 128 17.21 10.42 -14.77
N LYS A 129 16.47 9.74 -15.69
CA LYS A 129 15.91 10.32 -16.94
C LYS A 129 14.79 9.38 -17.50
N PRO A 130 13.92 9.85 -18.44
CA PRO A 130 12.83 8.99 -18.97
C PRO A 130 13.22 7.63 -19.56
N HIS A 131 14.45 7.51 -20.13
CA HIS A 131 14.96 6.27 -20.72
C HIS A 131 15.10 5.15 -19.68
N ASN A 132 15.51 5.51 -18.45
CA ASN A 132 15.75 4.64 -17.28
C ASN A 132 14.50 4.41 -16.43
N ILE A 133 13.48 5.27 -16.59
CA ILE A 133 12.28 5.01 -15.83
C ILE A 133 11.46 4.07 -16.71
N LEU A 134 11.15 2.87 -16.18
CA LEU A 134 10.42 1.90 -16.99
C LEU A 134 9.01 1.70 -16.49
N ILE A 135 8.11 1.30 -17.41
CA ILE A 135 6.68 1.04 -17.18
C ILE A 135 6.54 -0.49 -17.23
N SER A 136 6.21 -1.10 -16.09
CA SER A 136 6.02 -2.55 -15.94
C SER A 136 4.94 -3.18 -16.86
N MET A 137 5.00 -4.51 -16.97
CA MET A 137 4.03 -5.32 -17.70
C MET A 137 2.75 -5.38 -16.85
N PRO A 138 1.53 -5.49 -17.43
CA PRO A 138 0.34 -5.54 -16.56
C PRO A 138 0.26 -6.87 -15.84
N ASN A 139 0.08 -6.84 -14.50
CA ASN A 139 -0.02 -8.06 -13.70
C ASN A 139 -1.41 -8.67 -13.87
N ALA A 140 -1.70 -9.78 -13.16
CA ALA A 140 -3.00 -10.45 -13.28
C ALA A 140 -4.19 -9.53 -12.99
N HIS A 141 -4.00 -8.51 -12.14
CA HIS A 141 -5.08 -7.61 -11.81
C HIS A 141 -5.06 -6.36 -12.69
N GLY A 142 -4.29 -6.42 -13.78
CA GLY A 142 -4.16 -5.39 -14.81
C GLY A 142 -3.32 -4.16 -14.48
N LYS A 143 -2.80 -4.09 -13.25
CA LYS A 143 -2.00 -2.98 -12.73
C LYS A 143 -0.64 -2.86 -13.40
N ILE A 144 -0.28 -1.63 -13.74
CA ILE A 144 1.01 -1.25 -14.34
C ILE A 144 1.67 -0.26 -13.37
N LYS A 145 3.00 -0.33 -13.20
CA LYS A 145 3.74 0.53 -12.28
C LYS A 145 5.07 1.09 -12.86
N ALA A 146 5.54 2.24 -12.35
CA ALA A 146 6.82 2.79 -12.80
C ALA A 146 7.96 2.18 -11.93
N MET A 147 9.18 2.07 -12.50
CA MET A 147 10.39 1.54 -11.82
C MET A 147 11.65 2.27 -12.20
N ILE A 148 12.63 2.32 -11.28
CA ILE A 148 13.95 2.93 -11.53
C ILE A 148 14.88 1.84 -12.14
N SER A 149 15.82 2.16 -13.09
CA SER A 149 16.56 1.04 -13.67
C SER A 149 18.08 1.15 -13.93
N ASP A 150 18.60 2.25 -14.50
CA ASP A 150 20.04 2.26 -14.85
C ASP A 150 20.95 2.47 -13.63
N PHE A 151 21.33 1.38 -12.97
CA PHE A 151 22.13 1.46 -11.75
C PHE A 151 23.65 1.60 -11.93
N GLY A 152 24.10 1.70 -13.18
CA GLY A 152 25.52 1.82 -13.55
C GLY A 152 26.26 3.02 -13.02
N LEU A 153 25.60 4.20 -13.05
CA LEU A 153 26.16 5.49 -12.62
C LEU A 153 25.81 5.88 -11.16
N CYS A 154 25.36 4.90 -10.36
CA CYS A 154 25.02 5.14 -8.96
C CYS A 154 26.27 5.29 -8.07
N LYS A 155 26.12 5.93 -6.90
CA LYS A 155 27.19 6.14 -5.92
C LYS A 155 26.64 6.02 -4.52
N LYS A 156 27.19 5.09 -3.72
CA LYS A 156 26.78 4.90 -2.35
C LYS A 156 27.60 5.83 -1.44
N LEU A 157 26.91 6.71 -0.69
CA LEU A 157 27.55 7.64 0.25
C LEU A 157 27.97 6.88 1.54
N ALA A 158 28.48 7.58 2.59
CA ALA A 158 28.91 6.86 3.79
C ALA A 158 28.61 7.61 5.09
N VAL A 159 29.68 8.11 5.75
CA VAL A 159 29.67 8.90 6.98
C VAL A 159 29.08 10.29 6.64
N GLY A 160 29.74 11.01 5.70
CA GLY A 160 29.32 12.31 5.20
C GLY A 160 28.34 12.19 4.03
N ARG A 161 27.73 13.34 3.64
CA ARG A 161 26.71 13.46 2.58
C ARG A 161 27.19 14.18 1.31
N HIS A 162 28.35 13.77 0.75
CA HIS A 162 28.90 14.42 -0.44
C HIS A 162 29.46 13.46 -1.48
N SER A 163 29.20 13.83 -2.73
CA SER A 163 29.61 13.20 -3.97
C SER A 163 30.67 14.19 -4.59
N PHE A 164 31.58 13.69 -5.46
CA PHE A 164 32.61 14.49 -6.10
C PHE A 164 32.40 14.65 -7.62
N SER A 165 32.75 15.84 -8.15
CA SER A 165 32.63 16.21 -9.57
C SER A 165 33.89 15.81 -10.35
N PRO A 171 30.05 11.01 -16.26
CA PRO A 171 29.17 11.54 -15.20
C PRO A 171 27.67 11.50 -15.53
N GLY A 172 27.29 11.13 -16.74
CA GLY A 172 25.89 11.01 -17.15
C GLY A 172 25.58 11.24 -18.61
N THR A 173 24.31 11.63 -18.88
CA THR A 173 23.77 11.99 -20.22
C THR A 173 23.18 13.41 -20.20
N GLU A 174 23.69 14.26 -21.12
CA GLU A 174 23.37 15.70 -21.24
C GLU A 174 21.90 15.99 -21.43
N GLY A 175 21.47 17.06 -20.79
CA GLY A 175 20.08 17.53 -20.80
C GLY A 175 19.36 17.26 -19.50
N TRP A 176 19.86 16.32 -18.68
CA TRP A 176 19.21 15.95 -17.43
C TRP A 176 20.13 16.05 -16.21
N ILE A 177 21.38 16.50 -16.40
CA ILE A 177 22.37 16.68 -15.31
C ILE A 177 22.09 17.95 -14.50
N ALA A 178 22.16 17.83 -13.15
CA ALA A 178 22.01 18.92 -12.19
C ALA A 178 23.16 19.93 -12.40
N PRO A 179 22.92 21.26 -12.19
CA PRO A 179 23.95 22.25 -12.47
C PRO A 179 25.23 22.10 -11.66
N GLU A 180 25.12 21.71 -10.36
CA GLU A 180 26.23 21.54 -9.43
C GLU A 180 27.22 20.42 -9.84
N MET A 181 26.75 19.41 -10.61
CA MET A 181 27.61 18.32 -11.10
C MET A 181 28.53 18.73 -12.23
N LEU A 182 28.48 19.99 -12.67
CA LEU A 182 29.30 20.52 -13.75
C LEU A 182 30.11 21.77 -13.26
N SER A 183 29.43 22.80 -12.66
CA SER A 183 30.02 24.05 -12.08
C SER A 183 31.25 24.65 -12.82
N ASN A 189 29.04 21.21 -2.98
CA ASN A 189 29.37 19.88 -3.49
C ASN A 189 28.08 19.02 -3.80
N PRO A 190 28.06 18.14 -4.85
CA PRO A 190 26.82 17.41 -5.20
C PRO A 190 26.38 16.39 -4.15
N THR A 191 25.06 16.15 -4.04
CA THR A 191 24.48 15.20 -3.08
C THR A 191 23.18 14.58 -3.67
N TYR A 192 22.33 13.96 -2.82
CA TYR A 192 21.08 13.33 -3.27
C TYR A 192 20.20 14.29 -4.07
N THR A 193 20.34 15.63 -3.81
CA THR A 193 19.58 16.69 -4.48
C THR A 193 19.85 16.75 -5.98
N VAL A 194 20.88 16.03 -6.47
CA VAL A 194 21.15 15.96 -7.92
C VAL A 194 20.02 15.18 -8.60
N ASP A 195 19.51 14.12 -7.92
CA ASP A 195 18.43 13.24 -8.35
C ASP A 195 17.09 13.97 -8.29
N ILE A 196 16.97 14.96 -7.38
CA ILE A 196 15.75 15.76 -7.23
C ILE A 196 15.59 16.71 -8.42
N PHE A 197 16.71 17.29 -8.89
CA PHE A 197 16.72 18.17 -10.06
C PHE A 197 16.26 17.40 -11.31
N SER A 198 16.89 16.23 -11.58
CA SER A 198 16.59 15.33 -12.69
C SER A 198 15.14 14.88 -12.60
N ALA A 199 14.64 14.62 -11.36
CA ALA A 199 13.25 14.25 -11.13
C ALA A 199 12.31 15.41 -11.53
N GLY A 200 12.64 16.63 -11.12
CA GLY A 200 11.87 17.84 -11.42
C GLY A 200 11.63 18.03 -12.91
N CYS A 201 12.66 17.70 -13.70
CA CYS A 201 12.65 17.76 -15.17
C CYS A 201 11.74 16.66 -15.74
N VAL A 202 11.83 15.45 -15.15
CA VAL A 202 11.04 14.29 -15.54
C VAL A 202 9.56 14.56 -15.26
N PHE A 203 9.25 15.20 -14.09
CA PHE A 203 7.89 15.58 -13.69
C PHE A 203 7.24 16.44 -14.75
N TYR A 204 7.90 17.56 -15.13
CA TYR A 204 7.43 18.50 -16.16
C TYR A 204 7.26 17.81 -17.50
N TYR A 205 8.22 16.94 -17.91
CA TYR A 205 8.19 16.15 -19.14
C TYR A 205 6.95 15.25 -19.25
N VAL A 206 6.50 14.63 -18.14
CA VAL A 206 5.31 13.79 -18.22
C VAL A 206 4.06 14.66 -18.24
N ILE A 207 4.00 15.69 -17.34
CA ILE A 207 2.93 16.67 -17.21
C ILE A 207 2.67 17.38 -18.56
N SER A 208 3.72 17.97 -19.17
CA SER A 208 3.72 18.70 -20.45
C SER A 208 3.59 17.81 -21.68
N GLU A 209 3.67 16.47 -21.47
CA GLU A 209 3.56 15.43 -22.50
C GLU A 209 4.68 15.52 -23.57
N GLY A 210 5.89 15.92 -23.14
CA GLY A 210 7.05 15.99 -24.04
C GLY A 210 8.07 17.08 -23.83
N SER A 211 7.65 18.23 -23.27
CA SER A 211 8.51 19.39 -23.03
C SER A 211 9.45 19.18 -21.82
N HIS A 212 10.47 20.03 -21.72
CA HIS A 212 11.51 19.99 -20.69
C HIS A 212 11.71 21.43 -20.20
N PRO A 213 11.88 21.67 -18.87
CA PRO A 213 12.06 23.06 -18.41
C PRO A 213 13.17 23.84 -19.13
N PHE A 214 14.27 23.15 -19.51
CA PHE A 214 15.44 23.77 -20.15
C PHE A 214 15.46 23.69 -21.69
N GLY A 215 14.28 23.50 -22.30
CA GLY A 215 14.09 23.51 -23.75
C GLY A 215 14.36 22.23 -24.50
N LYS A 216 14.72 22.38 -25.79
CA LYS A 216 15.01 21.29 -26.72
C LYS A 216 16.25 20.52 -26.31
N SER A 217 16.25 19.19 -26.58
CA SER A 217 17.34 18.23 -26.25
C SER A 217 18.79 18.75 -26.35
N LEU A 218 19.10 19.50 -27.42
CA LEU A 218 20.46 20.02 -27.63
C LEU A 218 20.82 21.30 -26.84
N GLN A 219 19.81 22.12 -26.44
CA GLN A 219 20.08 23.37 -25.69
C GLN A 219 20.04 23.17 -24.19
N ARG A 220 19.28 22.16 -23.75
CA ARG A 220 19.02 21.79 -22.36
C ARG A 220 20.18 21.92 -21.38
N GLN A 221 21.34 21.27 -21.67
CA GLN A 221 22.43 21.30 -20.71
C GLN A 221 23.08 22.66 -20.63
N ALA A 222 23.25 23.36 -21.77
CA ALA A 222 23.79 24.74 -21.82
C ALA A 222 22.86 25.69 -21.04
N ASN A 223 21.53 25.46 -21.13
CA ASN A 223 20.49 26.20 -20.43
C ASN A 223 20.49 25.95 -18.93
N ILE A 224 20.77 24.69 -18.47
CA ILE A 224 20.87 24.33 -17.04
C ILE A 224 22.04 25.15 -16.43
N LEU A 225 23.18 25.19 -17.12
CA LEU A 225 24.32 25.95 -16.69
C LEU A 225 23.96 27.42 -16.55
N LEU A 226 23.05 27.93 -17.40
CA LEU A 226 22.65 29.32 -17.38
C LEU A 226 21.43 29.59 -16.51
N GLY A 227 20.78 28.52 -16.04
CA GLY A 227 19.57 28.63 -15.24
C GLY A 227 18.39 29.22 -16.00
N ALA A 228 18.44 29.12 -17.32
CA ALA A 228 17.40 29.61 -18.22
C ALA A 228 16.40 28.50 -18.46
N CYS A 229 15.23 28.61 -17.84
CA CYS A 229 14.20 27.59 -17.96
C CYS A 229 12.83 28.19 -18.14
N SER A 230 11.86 27.34 -18.49
CA SER A 230 10.49 27.71 -18.74
C SER A 230 9.54 26.56 -18.38
N LEU A 231 8.53 26.89 -17.56
CA LEU A 231 7.50 25.97 -17.14
C LEU A 231 6.19 26.50 -17.72
N ASP A 232 6.25 26.97 -18.98
CA ASP A 232 5.15 27.64 -19.67
C ASP A 232 3.95 26.75 -20.07
N CYS A 233 4.07 25.41 -19.95
CA CYS A 233 2.95 24.50 -20.21
C CYS A 233 1.93 24.57 -19.06
N LEU A 234 2.38 25.13 -17.92
CA LEU A 234 1.60 25.31 -16.70
C LEU A 234 0.97 26.70 -16.66
N HIS A 235 -0.36 26.72 -16.68
CA HIS A 235 -1.19 27.91 -16.65
C HIS A 235 -1.12 28.57 -15.27
N PRO A 236 -1.04 29.92 -15.18
CA PRO A 236 -0.99 30.57 -13.86
C PRO A 236 -2.33 30.59 -13.10
N GLU A 237 -3.46 30.39 -13.80
CA GLU A 237 -4.79 30.39 -13.20
C GLU A 237 -5.56 29.07 -13.41
N LYS A 238 -4.84 27.94 -13.31
CA LYS A 238 -5.40 26.60 -13.40
C LYS A 238 -4.79 25.84 -12.22
N HIS A 239 -5.60 25.59 -11.18
CA HIS A 239 -5.24 24.95 -9.91
C HIS A 239 -4.30 23.74 -10.04
N GLU A 240 -4.64 22.83 -10.97
CA GLU A 240 -3.88 21.61 -11.26
C GLU A 240 -2.45 21.96 -11.68
N ASP A 241 -2.31 22.97 -12.57
CA ASP A 241 -1.04 23.48 -13.09
C ASP A 241 -0.28 24.31 -12.06
N VAL A 242 -1.01 25.09 -11.23
CA VAL A 242 -0.48 25.97 -10.18
C VAL A 242 0.25 25.15 -9.12
N ILE A 243 -0.41 24.08 -8.62
CA ILE A 243 0.10 23.16 -7.60
C ILE A 243 1.33 22.46 -8.15
N ALA A 244 1.29 22.05 -9.42
CA ALA A 244 2.37 21.40 -10.13
C ALA A 244 3.58 22.32 -10.25
N ARG A 245 3.36 23.60 -10.58
CA ARG A 245 4.45 24.57 -10.70
C ARG A 245 5.23 24.73 -9.39
N GLU A 246 4.49 24.96 -8.27
CA GLU A 246 5.01 25.12 -6.92
C GLU A 246 6.13 24.10 -6.69
N LEU A 247 5.78 22.80 -6.78
CA LEU A 247 6.70 21.67 -6.59
C LEU A 247 7.89 21.66 -7.56
N ILE A 248 7.62 21.63 -8.89
CA ILE A 248 8.63 21.60 -9.95
C ILE A 248 9.65 22.71 -9.79
N GLU A 249 9.20 23.98 -9.55
CA GLU A 249 10.08 25.15 -9.39
C GLU A 249 11.14 24.94 -8.29
N LYS A 250 10.71 24.39 -7.13
CA LYS A 250 11.57 24.10 -5.98
C LYS A 250 12.51 22.92 -6.28
N MET A 251 12.01 21.92 -7.01
CA MET A 251 12.77 20.74 -7.41
C MET A 251 13.90 21.07 -8.39
N ILE A 252 13.68 22.01 -9.33
CA ILE A 252 14.68 22.41 -10.34
C ILE A 252 15.39 23.72 -9.94
N ALA A 253 15.51 24.00 -8.64
CA ALA A 253 16.20 25.19 -8.12
C ALA A 253 17.70 25.08 -8.40
N MET A 254 18.32 26.17 -8.87
CA MET A 254 19.77 26.20 -9.15
C MET A 254 20.64 25.98 -7.89
N ASP A 255 20.10 26.32 -6.70
CA ASP A 255 20.72 26.11 -5.40
C ASP A 255 20.25 24.75 -4.78
N PRO A 256 21.16 23.74 -4.64
CA PRO A 256 20.72 22.43 -4.10
C PRO A 256 20.08 22.48 -2.73
N GLN A 257 20.49 23.46 -1.92
CA GLN A 257 20.03 23.69 -0.55
C GLN A 257 18.53 24.02 -0.55
N LYS A 258 18.03 24.62 -1.65
CA LYS A 258 16.64 25.05 -1.79
C LYS A 258 15.71 23.93 -2.29
N ARG A 259 16.31 22.83 -2.79
CA ARG A 259 15.59 21.66 -3.31
C ARG A 259 14.98 20.80 -2.21
N PRO A 260 13.70 20.37 -2.37
CA PRO A 260 13.09 19.49 -1.35
C PRO A 260 13.65 18.07 -1.45
N SER A 261 13.66 17.31 -0.33
CA SER A 261 14.14 15.93 -0.33
C SER A 261 13.08 15.02 -0.96
N ALA A 262 13.45 13.76 -1.29
CA ALA A 262 12.52 12.79 -1.87
C ALA A 262 11.24 12.62 -1.03
N LYS A 263 11.39 12.47 0.31
CA LYS A 263 10.27 12.36 1.25
C LYS A 263 9.43 13.65 1.31
N HIS A 264 10.05 14.82 1.04
CA HIS A 264 9.34 16.10 1.02
C HIS A 264 8.45 16.17 -0.19
N VAL A 265 8.97 15.70 -1.35
CA VAL A 265 8.26 15.68 -2.62
C VAL A 265 6.99 14.82 -2.52
N LEU A 266 7.09 13.62 -1.87
CA LEU A 266 5.98 12.69 -1.73
C LEU A 266 4.81 13.21 -0.89
N LYS A 267 5.06 14.22 -0.04
CA LYS A 267 4.03 14.83 0.83
C LYS A 267 3.31 16.06 0.20
N HIS A 268 3.85 16.58 -0.92
CA HIS A 268 3.35 17.75 -1.64
C HIS A 268 1.92 17.54 -2.15
N PRO A 269 1.07 18.62 -2.10
CA PRO A 269 -0.31 18.52 -2.60
C PRO A 269 -0.51 17.97 -4.01
N PHE A 270 0.56 18.03 -4.84
CA PHE A 270 0.58 17.51 -6.21
C PHE A 270 0.12 16.06 -6.23
N PHE A 271 0.50 15.30 -5.19
CA PHE A 271 0.16 13.89 -5.02
C PHE A 271 -1.18 13.60 -4.30
N TRP A 272 -1.77 14.60 -3.64
CA TRP A 272 -3.00 14.45 -2.87
C TRP A 272 -4.23 14.21 -3.71
N SER A 273 -5.10 13.32 -3.19
CA SER A 273 -6.41 12.98 -3.77
C SER A 273 -7.36 14.16 -3.50
N LEU A 274 -8.50 14.20 -4.19
CA LEU A 274 -9.47 15.28 -4.00
C LEU A 274 -10.03 15.26 -2.57
N GLU A 275 -10.16 14.05 -1.96
CA GLU A 275 -10.60 13.87 -0.57
C GLU A 275 -9.57 14.50 0.37
N LYS A 276 -8.27 14.17 0.19
CA LYS A 276 -7.15 14.70 0.98
C LYS A 276 -7.12 16.24 0.89
N GLN A 277 -7.26 16.77 -0.35
CA GLN A 277 -7.30 18.21 -0.68
C GLN A 277 -8.38 18.93 0.13
N LEU A 278 -9.58 18.33 0.21
CA LEU A 278 -10.72 18.87 0.97
C LEU A 278 -10.47 18.73 2.47
N GLN A 279 -9.95 17.56 2.90
CA GLN A 279 -9.65 17.26 4.30
C GLN A 279 -8.65 18.25 4.86
N PHE A 280 -7.71 18.73 4.02
CA PHE A 280 -6.71 19.70 4.40
C PHE A 280 -7.40 21.04 4.72
N PHE A 281 -8.41 21.44 3.91
CA PHE A 281 -9.19 22.65 4.10
C PHE A 281 -10.04 22.59 5.37
N GLN A 282 -10.50 21.39 5.76
CA GLN A 282 -11.27 21.17 6.99
C GLN A 282 -10.31 21.37 8.15
N ASP A 283 -9.22 20.57 8.20
CA ASP A 283 -8.16 20.58 9.22
C ASP A 283 -7.56 21.96 9.49
N VAL A 284 -7.34 22.78 8.43
CA VAL A 284 -6.79 24.13 8.59
C VAL A 284 -7.85 25.07 9.20
N SER A 285 -9.10 25.10 8.63
CA SER A 285 -10.18 25.96 9.12
C SER A 285 -10.69 25.54 10.50
N ASP A 286 -10.41 24.29 10.91
CA ASP A 286 -10.72 23.78 12.24
C ASP A 286 -9.62 24.28 13.18
N ARG A 287 -8.34 24.31 12.69
CA ARG A 287 -7.16 24.76 13.44
C ARG A 287 -7.27 26.25 13.74
N ILE A 288 -7.72 27.03 12.75
CA ILE A 288 -8.00 28.45 12.97
C ILE A 288 -9.34 28.52 13.75
N GLU A 289 -9.42 29.41 14.75
CA GLU A 289 -10.56 29.60 15.67
C GLU A 289 -10.58 28.50 16.73
N LYS A 290 -10.27 28.82 18.01
CA LYS A 290 -9.96 30.18 18.48
C LYS A 290 -8.51 30.58 18.11
N GLU A 291 -8.39 31.63 17.27
CA GLU A 291 -7.14 32.18 16.73
C GLU A 291 -7.33 33.68 16.40
N SER A 292 -6.58 34.57 17.06
CA SER A 292 -6.67 36.01 16.82
C SER A 292 -5.85 36.42 15.61
N LEU A 293 -6.28 37.50 14.92
CA LEU A 293 -5.63 38.08 13.73
C LEU A 293 -4.15 38.43 13.97
N ASP A 294 -3.81 38.99 15.16
CA ASP A 294 -2.47 39.38 15.61
C ASP A 294 -1.52 38.16 15.65
N GLY A 295 -2.14 36.98 15.76
CA GLY A 295 -1.56 35.66 15.79
C GLY A 295 -0.73 35.33 14.57
N PRO A 296 0.54 34.87 14.80
CA PRO A 296 1.44 34.56 13.68
C PRO A 296 0.95 33.55 12.63
N ILE A 297 -0.11 32.78 12.93
CA ILE A 297 -0.69 31.80 12.01
C ILE A 297 -1.69 32.50 11.08
N VAL A 298 -2.62 33.30 11.67
CA VAL A 298 -3.65 34.04 10.95
C VAL A 298 -3.04 35.10 10.04
N LYS A 299 -2.08 35.89 10.56
CA LYS A 299 -1.40 36.95 9.80
C LYS A 299 -0.61 36.39 8.60
N GLN A 300 0.04 35.21 8.76
CA GLN A 300 0.81 34.54 7.69
C GLN A 300 -0.14 34.07 6.58
N LEU A 301 -1.34 33.60 6.98
CA LEU A 301 -2.38 33.13 6.05
C LEU A 301 -3.04 34.32 5.37
N GLU A 302 -3.19 35.44 6.09
CA GLU A 302 -3.78 36.63 5.50
C GLU A 302 -2.80 37.39 4.60
N ARG A 303 -1.48 37.11 4.76
CA ARG A 303 -0.39 37.71 3.98
C ARG A 303 -0.46 37.25 2.52
N GLY A 304 -1.21 37.98 1.72
CA GLY A 304 -1.41 37.66 0.32
C GLY A 304 -2.79 38.03 -0.19
N GLY A 305 -3.60 36.99 -0.41
CA GLY A 305 -4.95 37.12 -0.93
C GLY A 305 -6.05 37.36 0.07
N ARG A 306 -6.93 38.39 -0.12
CA ARG A 306 -7.01 39.45 -1.17
C ARG A 306 -6.98 38.93 -2.62
N ALA A 307 -5.79 38.82 -3.25
CA ALA A 307 -5.64 38.38 -4.64
C ALA A 307 -6.03 36.92 -4.84
N VAL A 308 -5.70 36.04 -3.86
CA VAL A 308 -6.00 34.59 -3.82
C VAL A 308 -7.53 34.41 -3.82
N VAL A 309 -8.22 35.30 -3.07
CA VAL A 309 -9.67 35.34 -2.87
C VAL A 309 -10.39 36.19 -3.96
N LYS A 310 -9.60 36.83 -4.87
CA LYS A 310 -10.04 37.71 -5.98
C LYS A 310 -10.87 38.90 -5.48
N MET A 311 -10.35 39.58 -4.42
CA MET A 311 -10.94 40.74 -3.73
C MET A 311 -12.21 40.37 -2.95
N ASP A 312 -13.24 39.85 -3.65
CA ASP A 312 -14.50 39.40 -3.05
C ASP A 312 -14.82 38.01 -3.60
N TRP A 313 -14.73 37.00 -2.72
CA TRP A 313 -14.96 35.60 -3.07
C TRP A 313 -16.45 35.24 -3.18
N ARG A 314 -17.33 36.23 -2.98
CA ARG A 314 -18.78 36.11 -3.06
C ARG A 314 -19.34 36.38 -4.46
N GLU A 315 -18.77 37.36 -5.21
CA GLU A 315 -19.27 37.75 -6.53
C GLU A 315 -18.81 36.83 -7.69
N ASN A 316 -17.83 35.93 -7.45
CA ASN A 316 -17.30 34.96 -8.43
C ASN A 316 -17.83 33.53 -8.21
N ILE A 317 -18.58 33.35 -7.11
CA ILE A 317 -19.27 32.12 -6.67
C ILE A 317 -20.64 32.00 -7.42
N THR A 318 -21.26 30.79 -7.45
CA THR A 318 -22.54 30.57 -8.15
C THR A 318 -23.72 31.30 -7.53
N VAL A 319 -24.67 31.76 -8.39
CA VAL A 319 -25.92 32.48 -8.06
C VAL A 319 -26.73 31.78 -6.92
N PRO A 320 -26.99 30.43 -6.94
CA PRO A 320 -27.71 29.81 -5.81
C PRO A 320 -26.91 29.73 -4.50
N LEU A 321 -25.56 29.63 -4.56
CA LEU A 321 -24.75 29.57 -3.34
C LEU A 321 -24.65 30.93 -2.62
N GLN A 322 -24.44 32.03 -3.37
CA GLN A 322 -24.34 33.38 -2.78
C GLN A 322 -25.63 33.77 -2.05
N THR A 323 -26.81 33.25 -2.49
CA THR A 323 -28.11 33.49 -1.84
C THR A 323 -28.19 32.73 -0.51
N ASP A 324 -27.49 31.58 -0.40
CA ASP A 324 -27.44 30.72 0.79
C ASP A 324 -26.50 31.29 1.84
N LYS A 332 -15.95 38.61 6.93
CA LYS A 332 -15.53 39.45 5.82
C LYS A 332 -15.48 38.65 4.51
N GLY A 333 -15.89 39.29 3.42
CA GLY A 333 -15.95 38.69 2.08
C GLY A 333 -14.65 38.69 1.28
N GLY A 334 -13.56 39.10 1.91
CA GLY A 334 -12.24 39.14 1.27
C GLY A 334 -11.18 38.38 2.05
N SER A 335 -11.62 37.42 2.89
CA SER A 335 -10.77 36.61 3.77
C SER A 335 -10.67 35.16 3.34
N VAL A 336 -9.43 34.64 3.25
CA VAL A 336 -9.12 33.23 2.92
C VAL A 336 -9.52 32.39 4.12
N ARG A 337 -9.44 32.99 5.33
CA ARG A 337 -9.82 32.42 6.61
C ARG A 337 -11.34 32.24 6.68
N ASP A 338 -12.11 33.23 6.15
CA ASP A 338 -13.56 33.18 6.11
C ASP A 338 -14.06 32.34 4.93
N LEU A 339 -13.27 32.24 3.84
CA LEU A 339 -13.62 31.42 2.68
C LEU A 339 -13.52 29.96 3.06
N LEU A 340 -12.46 29.60 3.81
CA LEU A 340 -12.20 28.25 4.30
C LEU A 340 -13.16 27.88 5.43
N ARG A 341 -13.57 28.88 6.24
CA ARG A 341 -14.53 28.69 7.32
C ARG A 341 -15.90 28.37 6.69
N ALA A 342 -16.26 29.06 5.58
CA ALA A 342 -17.50 28.90 4.79
C ALA A 342 -17.55 27.51 4.18
N MET A 343 -16.39 27.06 3.65
CA MET A 343 -16.19 25.75 3.03
C MET A 343 -16.44 24.63 4.05
N ARG A 344 -15.93 24.80 5.28
CA ARG A 344 -16.06 23.87 6.41
C ARG A 344 -17.53 23.75 6.82
N ASN A 345 -18.24 24.90 6.90
CA ASN A 345 -19.65 24.99 7.27
C ASN A 345 -20.57 24.34 6.23
N LYS A 346 -20.21 24.43 4.94
CA LYS A 346 -21.00 23.82 3.86
C LYS A 346 -20.72 22.33 3.71
N LYS A 347 -19.48 21.88 4.05
CA LYS A 347 -19.07 20.47 3.98
C LYS A 347 -19.72 19.70 5.14
N HIS A 348 -19.68 20.27 6.35
CA HIS A 348 -20.23 19.69 7.57
C HIS A 348 -21.74 19.53 7.43
N HIS A 349 -22.43 20.66 7.19
CA HIS A 349 -23.87 20.72 7.02
C HIS A 349 -24.30 20.50 5.56
N TYR A 350 -23.71 19.48 4.88
CA TYR A 350 -24.01 19.17 3.47
C TYR A 350 -25.37 18.49 3.26
N ARG A 351 -25.68 17.41 4.01
CA ARG A 351 -26.97 16.72 3.85
C ARG A 351 -28.12 17.47 4.53
N GLU A 352 -27.80 18.44 5.43
CA GLU A 352 -28.81 19.28 6.10
C GLU A 352 -28.87 20.70 5.42
N LEU A 353 -28.57 20.71 4.09
CA LEU A 353 -28.54 21.87 3.16
C LEU A 353 -29.54 21.63 2.00
N PRO A 354 -30.17 22.67 1.40
CA PRO A 354 -31.13 22.41 0.30
C PRO A 354 -30.54 21.75 -0.95
N ALA A 355 -31.42 21.10 -1.76
CA ALA A 355 -31.05 20.41 -3.00
C ALA A 355 -30.46 21.32 -4.06
N GLU A 356 -30.95 22.57 -4.14
CA GLU A 356 -30.52 23.62 -5.07
C GLU A 356 -29.03 23.95 -4.90
N VAL A 357 -28.58 24.11 -3.64
CA VAL A 357 -27.18 24.44 -3.36
C VAL A 357 -26.28 23.21 -3.46
N ARG A 358 -26.78 22.00 -3.10
CA ARG A 358 -25.94 20.80 -3.21
C ARG A 358 -25.84 20.27 -4.66
N GLU A 359 -26.72 20.79 -5.57
CA GLU A 359 -26.68 20.42 -6.99
C GLU A 359 -25.57 21.22 -7.69
N THR A 360 -25.48 22.54 -7.39
CA THR A 360 -24.47 23.47 -7.94
C THR A 360 -23.07 23.24 -7.32
N LEU A 361 -23.00 22.62 -6.12
CA LEU A 361 -21.76 22.36 -5.39
C LEU A 361 -21.27 20.92 -5.42
N GLY A 362 -22.15 19.99 -5.05
CA GLY A 362 -21.81 18.57 -4.98
C GLY A 362 -21.54 17.88 -6.30
N SER A 363 -21.31 16.54 -6.27
CA SER A 363 -21.37 15.68 -5.08
C SER A 363 -20.06 15.63 -4.29
N LEU A 364 -20.19 15.61 -2.94
CA LEU A 364 -19.10 15.54 -1.96
C LEU A 364 -18.38 14.16 -2.03
N PRO A 365 -17.02 14.07 -1.98
CA PRO A 365 -16.03 15.15 -1.80
C PRO A 365 -15.44 15.74 -3.09
N ASP A 366 -15.27 14.90 -4.14
CA ASP A 366 -14.66 15.19 -5.44
C ASP A 366 -15.13 16.47 -6.10
N ASP A 367 -16.41 16.55 -6.47
CA ASP A 367 -16.99 17.70 -7.16
C ASP A 367 -17.15 18.93 -6.25
N PHE A 368 -17.18 18.70 -4.91
CA PHE A 368 -17.29 19.75 -3.90
C PHE A 368 -16.02 20.61 -3.83
N VAL A 369 -14.86 20.00 -3.53
CA VAL A 369 -13.56 20.71 -3.41
C VAL A 369 -13.20 21.40 -4.75
N CYS A 370 -13.46 20.72 -5.89
CA CYS A 370 -13.18 21.21 -7.24
C CYS A 370 -13.95 22.49 -7.59
N TYR A 371 -15.14 22.65 -7.00
CA TYR A 371 -15.99 23.83 -7.18
C TYR A 371 -15.26 25.13 -6.75
N PHE A 372 -14.45 25.04 -5.68
CA PHE A 372 -13.66 26.14 -5.15
C PHE A 372 -12.25 26.20 -5.74
N THR A 373 -11.62 25.03 -6.05
CA THR A 373 -10.25 25.01 -6.62
C THR A 373 -10.22 25.54 -8.06
N SER A 374 -11.34 25.37 -8.81
CA SER A 374 -11.51 25.89 -10.16
C SER A 374 -11.68 27.41 -10.10
N ARG A 375 -12.58 27.89 -9.21
CA ARG A 375 -12.93 29.31 -9.01
C ARG A 375 -11.84 30.13 -8.28
N PHE A 376 -10.95 29.48 -7.49
CA PHE A 376 -9.82 30.11 -6.78
C PHE A 376 -8.57 29.22 -6.92
N PRO A 377 -7.83 29.36 -8.06
CA PRO A 377 -6.69 28.45 -8.31
C PRO A 377 -5.48 28.58 -7.38
N HIS A 378 -5.46 29.65 -6.57
CA HIS A 378 -4.36 29.89 -5.64
C HIS A 378 -4.66 29.52 -4.20
N LEU A 379 -5.89 29.04 -3.93
CA LEU A 379 -6.32 28.69 -2.58
C LEU A 379 -5.48 27.59 -1.93
N LEU A 380 -5.32 26.41 -2.57
CA LEU A 380 -4.54 25.34 -1.95
C LEU A 380 -3.05 25.67 -1.88
N ALA A 381 -2.47 26.18 -2.99
CA ALA A 381 -1.04 26.56 -3.05
C ALA A 381 -0.66 27.59 -1.99
N HIS A 382 -1.50 28.63 -1.79
CA HIS A 382 -1.28 29.67 -0.79
C HIS A 382 -1.42 29.10 0.62
N THR A 383 -2.58 28.45 0.94
CA THR A 383 -2.85 27.89 2.26
C THR A 383 -1.77 26.90 2.68
N TYR A 384 -1.34 26.01 1.75
CA TYR A 384 -0.32 25.01 2.03
C TYR A 384 1.02 25.59 2.49
N ARG A 385 1.60 26.53 1.72
CA ARG A 385 2.90 27.06 2.13
C ARG A 385 2.78 28.08 3.27
N ALA A 386 1.56 28.60 3.53
CA ALA A 386 1.31 29.50 4.67
C ALA A 386 1.23 28.64 5.93
N MET A 387 0.38 27.58 5.93
CA MET A 387 0.15 26.66 7.06
C MET A 387 1.34 25.77 7.40
N GLU A 388 2.50 25.97 6.72
CA GLU A 388 3.77 25.27 6.95
C GLU A 388 4.30 25.54 8.38
N LEU A 389 3.69 26.52 9.10
CA LEU A 389 4.02 26.91 10.47
C LEU A 389 3.65 25.80 11.47
N CYS A 390 2.61 25.03 11.15
CA CYS A 390 2.11 23.92 11.96
C CYS A 390 2.64 22.55 11.49
N SER A 391 3.74 22.56 10.71
CA SER A 391 4.43 21.38 10.15
C SER A 391 4.83 20.31 11.19
N HIS A 392 4.98 20.72 12.46
CA HIS A 392 5.38 19.89 13.59
C HIS A 392 4.20 19.22 14.30
N GLU A 393 3.00 19.84 14.22
CA GLU A 393 1.76 19.39 14.86
C GLU A 393 1.28 18.01 14.43
N ARG A 394 0.71 17.24 15.39
CA ARG A 394 0.16 15.89 15.21
C ARG A 394 -0.89 15.85 14.07
N LEU A 395 -1.75 16.88 13.99
CA LEU A 395 -2.82 17.05 13.01
C LEU A 395 -2.28 17.22 11.59
N PHE A 396 -1.13 17.89 11.43
CA PHE A 396 -0.54 18.20 10.13
C PHE A 396 0.62 17.29 9.71
N GLN A 397 0.76 16.10 10.34
CA GLN A 397 1.76 15.08 9.96
C GLN A 397 1.44 14.48 8.58
N PRO A 398 0.15 14.22 8.19
CA PRO A 398 -0.09 13.66 6.84
C PRO A 398 0.06 14.65 5.67
N TYR A 399 0.33 15.94 5.97
CA TYR A 399 0.45 17.00 4.97
C TYR A 399 1.89 17.50 4.70
N TYR A 400 2.80 17.40 5.69
CA TYR A 400 4.18 17.86 5.58
C TYR A 400 5.17 16.76 6.00
N PHE A 401 6.48 16.98 5.76
CA PHE A 401 7.48 16.01 6.18
C PHE A 401 8.37 16.56 7.31
N HIS A 402 8.07 16.13 8.54
CA HIS A 402 8.79 16.55 9.73
C HIS A 402 9.55 15.37 10.35
N SER B 1 31.78 -28.60 4.62
CA SER B 1 32.16 -27.22 4.28
C SER B 1 33.10 -27.20 3.04
N VAL B 2 32.71 -26.54 1.92
CA VAL B 2 31.48 -25.75 1.66
C VAL B 2 30.87 -26.23 0.32
N VAL B 3 29.60 -26.68 0.33
CA VAL B 3 28.89 -27.15 -0.88
C VAL B 3 28.73 -26.02 -1.89
N ILE B 4 29.07 -26.28 -3.15
CA ILE B 4 28.96 -25.32 -4.24
C ILE B 4 28.37 -25.97 -5.50
N VAL B 5 27.16 -25.53 -5.87
CA VAL B 5 26.41 -25.93 -7.07
C VAL B 5 26.00 -24.58 -7.71
N GLY B 6 27.00 -23.86 -8.26
CA GLY B 6 26.91 -22.52 -8.86
C GLY B 6 25.59 -22.16 -9.50
N LYS B 7 24.97 -20.99 -9.18
CA LYS B 7 25.46 -19.92 -8.28
C LYS B 7 25.12 -20.13 -6.78
N ILE B 8 24.46 -21.26 -6.46
CA ILE B 8 24.08 -21.63 -5.10
C ILE B 8 25.27 -22.27 -4.35
N SER B 9 25.48 -21.90 -3.06
CA SER B 9 26.54 -22.41 -2.18
C SER B 9 26.11 -22.28 -0.72
N PHE B 10 26.30 -23.35 0.07
CA PHE B 10 25.93 -23.34 1.48
C PHE B 10 26.91 -24.15 2.32
N CYS B 11 26.99 -23.86 3.64
CA CYS B 11 27.83 -24.66 4.53
C CYS B 11 26.91 -25.70 5.19
N PRO B 12 27.21 -27.02 5.05
CA PRO B 12 26.32 -28.04 5.65
C PRO B 12 26.08 -27.94 7.16
N LYS B 13 26.96 -27.22 7.90
CA LYS B 13 26.84 -27.01 9.35
C LYS B 13 25.65 -26.07 9.63
N ASP B 14 25.42 -25.09 8.73
CA ASP B 14 24.36 -24.10 8.84
C ASP B 14 23.06 -24.67 8.35
N VAL B 15 22.31 -25.34 9.23
CA VAL B 15 21.01 -25.94 8.94
C VAL B 15 19.94 -25.12 9.66
N LEU B 16 18.95 -24.62 8.91
CA LEU B 16 17.87 -23.84 9.52
C LEU B 16 16.82 -24.77 10.12
N GLY B 17 16.53 -25.87 9.43
CA GLY B 17 15.57 -26.87 9.86
C GLY B 17 15.39 -28.03 8.90
N HIS B 18 14.15 -28.56 8.84
CA HIS B 18 13.83 -29.71 7.99
C HIS B 18 12.52 -29.56 7.17
N GLY B 19 12.12 -30.71 6.62
CA GLY B 19 10.93 -30.96 5.82
C GLY B 19 10.68 -32.45 5.86
N ALA B 20 9.51 -32.85 6.40
CA ALA B 20 9.06 -34.24 6.65
C ALA B 20 9.37 -35.25 5.53
N GLU B 21 9.40 -34.78 4.26
CA GLU B 21 9.67 -35.60 3.08
C GLU B 21 11.12 -36.14 3.01
N GLY B 22 12.03 -35.42 3.63
CA GLY B 22 13.45 -35.75 3.67
C GLY B 22 14.28 -34.54 3.28
N THR B 23 13.59 -33.49 2.80
CA THR B 23 14.17 -32.20 2.44
C THR B 23 14.73 -31.54 3.71
N ILE B 24 15.82 -30.79 3.56
CA ILE B 24 16.48 -30.09 4.67
C ILE B 24 16.86 -28.66 4.22
N VAL B 25 16.45 -27.62 5.00
CA VAL B 25 16.74 -26.22 4.67
C VAL B 25 18.00 -25.73 5.40
N TYR B 26 18.89 -25.09 4.63
CA TYR B 26 20.18 -24.57 5.08
C TYR B 26 20.26 -23.06 4.88
N ARG B 27 21.24 -22.41 5.51
CA ARG B 27 21.51 -20.99 5.27
C ARG B 27 22.61 -21.03 4.22
N GLY B 28 22.43 -20.27 3.15
CA GLY B 28 23.40 -20.23 2.06
C GLY B 28 23.47 -18.91 1.31
N MET B 29 23.90 -19.00 0.05
CA MET B 29 24.07 -17.84 -0.81
C MET B 29 23.88 -18.14 -2.29
N PHE B 30 23.31 -17.20 -3.02
CA PHE B 30 23.14 -17.23 -4.47
C PHE B 30 23.48 -15.86 -4.99
N ASP B 31 24.45 -15.77 -5.92
CA ASP B 31 24.85 -14.52 -6.59
C ASP B 31 25.08 -13.37 -5.57
N ASN B 32 25.92 -13.66 -4.55
CA ASN B 32 26.30 -12.76 -3.46
C ASN B 32 25.08 -12.23 -2.65
N ARG B 33 24.02 -13.05 -2.56
CA ARG B 33 22.79 -12.72 -1.82
C ARG B 33 22.58 -13.77 -0.75
N ASP B 34 22.30 -13.33 0.49
CA ASP B 34 22.00 -14.25 1.59
C ASP B 34 20.63 -14.87 1.33
N VAL B 35 20.63 -16.18 1.09
CA VAL B 35 19.41 -16.95 0.78
C VAL B 35 19.31 -18.16 1.70
N ALA B 36 18.18 -18.86 1.66
CA ALA B 36 17.91 -20.12 2.34
C ALA B 36 17.93 -21.17 1.24
N VAL B 37 18.58 -22.34 1.47
CA VAL B 37 18.69 -23.42 0.47
C VAL B 37 17.89 -24.71 0.87
N LYS B 38 16.95 -25.15 -0.01
CA LYS B 38 16.09 -26.34 0.18
C LYS B 38 16.73 -27.51 -0.56
N ARG B 39 17.31 -28.50 0.18
CA ARG B 39 17.96 -29.69 -0.42
C ARG B 39 16.96 -30.85 -0.55
N ILE B 40 16.34 -30.92 -1.74
CA ILE B 40 15.32 -31.89 -2.16
C ILE B 40 15.95 -33.24 -2.42
N LEU B 41 15.22 -34.32 -2.11
CA LEU B 41 15.64 -35.70 -2.40
C LEU B 41 15.15 -36.19 -3.78
N PRO B 42 15.84 -37.19 -4.42
CA PRO B 42 15.40 -37.65 -5.76
C PRO B 42 13.96 -38.14 -5.86
N GLU B 43 13.38 -38.63 -4.75
CA GLU B 43 11.98 -39.11 -4.70
C GLU B 43 11.03 -37.91 -4.85
N CYS B 44 11.43 -36.75 -4.32
CA CYS B 44 10.64 -35.51 -4.29
C CYS B 44 10.91 -34.59 -5.48
N PHE B 45 11.82 -34.99 -6.40
CA PHE B 45 12.21 -34.20 -7.59
C PHE B 45 11.02 -33.61 -8.36
N SER B 46 9.92 -34.38 -8.50
CA SER B 46 8.68 -33.98 -9.16
C SER B 46 7.95 -32.84 -8.40
N PHE B 47 7.86 -32.94 -7.05
CA PHE B 47 7.20 -31.95 -6.18
C PHE B 47 7.94 -30.61 -6.26
N ALA B 48 9.28 -30.68 -6.45
CA ALA B 48 10.18 -29.52 -6.58
C ALA B 48 10.00 -28.84 -7.92
N ASP B 49 9.75 -29.62 -9.00
CA ASP B 49 9.50 -29.13 -10.38
C ASP B 49 8.23 -28.29 -10.41
N ARG B 50 7.19 -28.76 -9.68
CA ARG B 50 5.91 -28.10 -9.50
C ARG B 50 6.16 -26.82 -8.66
N GLU B 51 6.84 -26.96 -7.49
CA GLU B 51 7.19 -25.90 -6.54
C GLU B 51 7.87 -24.70 -7.20
N VAL B 52 8.99 -24.95 -7.91
CA VAL B 52 9.79 -23.92 -8.57
C VAL B 52 8.98 -23.16 -9.60
N GLN B 53 8.14 -23.89 -10.38
CA GLN B 53 7.35 -23.28 -11.43
C GLN B 53 6.24 -22.39 -10.87
N LEU B 54 5.50 -22.87 -9.87
CA LEU B 54 4.42 -22.08 -9.26
C LEU B 54 4.94 -20.84 -8.57
N LEU B 55 6.16 -20.92 -8.00
CA LEU B 55 6.84 -19.80 -7.38
C LEU B 55 7.23 -18.76 -8.44
N ARG B 56 7.80 -19.19 -9.59
CA ARG B 56 8.17 -18.31 -10.71
C ARG B 56 6.99 -17.38 -11.07
N GLU B 57 5.77 -17.94 -11.05
CA GLU B 57 4.51 -17.29 -11.38
C GLU B 57 3.95 -16.35 -10.30
N SER B 58 4.22 -16.62 -9.01
CA SER B 58 3.61 -15.87 -7.91
C SER B 58 4.54 -15.13 -6.91
N ASP B 59 5.87 -15.35 -6.94
CA ASP B 59 6.80 -14.74 -5.98
C ASP B 59 6.92 -13.19 -6.09
N GLU B 60 6.32 -12.59 -7.14
CA GLU B 60 6.31 -11.14 -7.38
C GLU B 60 5.47 -10.42 -6.30
N HIS B 61 4.55 -11.15 -5.63
CA HIS B 61 3.79 -10.57 -4.54
C HIS B 61 4.70 -10.42 -3.31
N PRO B 62 4.57 -9.33 -2.50
CA PRO B 62 5.46 -9.19 -1.31
C PRO B 62 5.22 -10.21 -0.21
N ASN B 63 3.99 -10.77 -0.13
CA ASN B 63 3.65 -11.76 0.89
C ASN B 63 3.83 -13.19 0.43
N VAL B 64 4.64 -13.37 -0.62
CA VAL B 64 5.03 -14.68 -1.14
C VAL B 64 6.54 -14.67 -1.22
N ILE B 65 7.15 -15.71 -0.63
CA ILE B 65 8.59 -16.00 -0.55
C ILE B 65 9.28 -15.84 -1.91
N ARG B 66 10.27 -14.99 -1.98
CA ARG B 66 10.98 -14.73 -3.22
C ARG B 66 11.83 -15.96 -3.62
N TYR B 67 11.62 -16.45 -4.84
CA TYR B 67 12.37 -17.59 -5.35
C TYR B 67 13.54 -17.08 -6.21
N PHE B 68 14.71 -17.70 -6.08
CA PHE B 68 15.88 -17.23 -6.80
C PHE B 68 16.29 -18.10 -7.95
N CYS B 69 16.72 -19.33 -7.64
CA CYS B 69 17.21 -20.26 -8.63
C CYS B 69 17.06 -21.71 -8.18
N THR B 70 17.22 -22.65 -9.11
CA THR B 70 17.21 -24.09 -8.84
C THR B 70 18.41 -24.73 -9.54
N GLU B 71 19.06 -25.66 -8.87
CA GLU B 71 20.24 -26.34 -9.38
C GLU B 71 20.18 -27.79 -8.94
N LYS B 72 20.87 -28.70 -9.64
CA LYS B 72 20.88 -30.10 -9.21
C LYS B 72 22.15 -30.83 -9.63
N ASP B 73 22.39 -32.00 -8.99
CA ASP B 73 23.54 -32.85 -9.28
C ASP B 73 23.13 -34.32 -9.35
N ARG B 74 24.10 -35.23 -9.17
CA ARG B 74 23.93 -36.68 -9.20
C ARG B 74 23.17 -37.21 -7.97
N GLN B 75 22.86 -36.33 -6.98
CA GLN B 75 22.15 -36.72 -5.77
C GLN B 75 20.90 -35.88 -5.42
N PHE B 76 21.01 -34.55 -5.39
CA PHE B 76 19.90 -33.70 -4.96
C PHE B 76 19.55 -32.57 -5.90
N GLN B 77 18.46 -31.83 -5.56
CA GLN B 77 17.96 -30.60 -6.20
C GLN B 77 17.99 -29.54 -5.10
N TYR B 78 18.47 -28.35 -5.44
CA TYR B 78 18.61 -27.24 -4.50
C TYR B 78 17.81 -26.05 -4.97
N ILE B 79 17.04 -25.45 -4.06
CA ILE B 79 16.19 -24.31 -4.37
C ILE B 79 16.60 -23.15 -3.47
N ALA B 80 17.09 -22.08 -4.10
CA ALA B 80 17.49 -20.85 -3.42
C ALA B 80 16.25 -19.98 -3.28
N ILE B 81 15.87 -19.66 -2.05
CA ILE B 81 14.65 -18.91 -1.74
C ILE B 81 15.04 -17.77 -0.76
N GLU B 82 14.13 -16.81 -0.50
CA GLU B 82 14.38 -15.69 0.42
C GLU B 82 14.70 -16.18 1.86
N LEU B 83 15.75 -15.64 2.49
CA LEU B 83 16.13 -16.00 3.86
C LEU B 83 15.35 -15.13 4.85
N CYS B 84 14.57 -15.77 5.75
CA CYS B 84 13.71 -15.09 6.75
C CYS B 84 14.25 -15.18 8.15
N ALA B 85 13.58 -14.46 9.09
CA ALA B 85 13.92 -14.45 10.50
C ALA B 85 13.57 -15.80 11.12
N ALA B 86 12.34 -16.32 10.86
CA ALA B 86 11.81 -17.59 11.41
C ALA B 86 10.38 -17.88 10.91
N THR B 87 9.85 -19.09 11.24
CA THR B 87 8.49 -19.57 10.90
C THR B 87 7.48 -18.98 11.91
N LEU B 88 6.19 -18.89 11.52
CA LEU B 88 5.14 -18.37 12.40
C LEU B 88 5.01 -19.25 13.65
N GLN B 89 5.34 -20.55 13.51
CA GLN B 89 5.31 -21.51 14.61
C GLN B 89 6.35 -21.12 15.63
N GLU B 90 7.55 -20.72 15.17
CA GLU B 90 8.65 -20.29 16.03
C GLU B 90 8.39 -18.91 16.61
N TYR B 91 7.59 -18.09 15.93
CA TYR B 91 7.19 -16.76 16.40
C TYR B 91 6.18 -16.88 17.58
N VAL B 92 5.15 -17.73 17.42
CA VAL B 92 4.06 -17.94 18.38
C VAL B 92 4.53 -18.76 19.60
N GLU B 93 5.36 -19.80 19.36
CA GLU B 93 5.83 -20.71 20.40
C GLU B 93 7.01 -20.18 21.24
N GLN B 94 7.54 -18.97 20.91
CA GLN B 94 8.65 -18.25 21.59
C GLN B 94 8.31 -16.75 21.76
N LYS B 95 7.86 -16.35 22.98
CA LYS B 95 7.44 -14.99 23.32
C LYS B 95 8.62 -14.01 23.55
N ASP B 96 9.74 -14.23 22.82
CA ASP B 96 10.96 -13.39 22.79
C ASP B 96 10.81 -12.45 21.60
N PHE B 97 10.19 -12.98 20.51
CA PHE B 97 9.84 -12.30 19.27
C PHE B 97 8.78 -11.22 19.53
N ALA B 98 8.16 -11.25 20.74
CA ALA B 98 7.17 -10.28 21.17
C ALA B 98 7.81 -8.89 21.20
N HIS B 99 9.09 -8.81 21.64
CA HIS B 99 9.90 -7.60 21.71
C HIS B 99 10.13 -6.97 20.32
N LEU B 100 9.85 -7.73 19.25
CA LEU B 100 9.90 -7.30 17.84
C LEU B 100 8.73 -6.33 17.56
N GLY B 101 7.74 -6.34 18.47
CA GLY B 101 6.55 -5.49 18.44
C GLY B 101 5.68 -5.66 17.21
N LEU B 102 5.57 -6.90 16.73
CA LEU B 102 4.77 -7.21 15.56
C LEU B 102 3.27 -7.28 15.88
N GLU B 103 2.43 -6.81 14.93
CA GLU B 103 0.97 -6.75 15.05
C GLU B 103 0.30 -7.99 14.50
N PRO B 104 -0.31 -8.86 15.35
CA PRO B 104 -0.96 -10.09 14.84
C PRO B 104 -1.92 -9.93 13.67
N ILE B 105 -2.86 -8.97 13.78
CA ILE B 105 -3.85 -8.67 12.74
C ILE B 105 -3.18 -8.28 11.42
N THR B 106 -1.95 -7.72 11.50
CA THR B 106 -1.21 -7.36 10.30
C THR B 106 -0.50 -8.57 9.70
N LEU B 107 -0.01 -9.51 10.54
CA LEU B 107 0.62 -10.73 10.01
C LEU B 107 -0.43 -11.50 9.23
N LEU B 108 -1.67 -11.54 9.79
CA LEU B 108 -2.79 -12.24 9.19
C LEU B 108 -3.28 -11.56 7.91
N GLN B 109 -3.19 -10.22 7.83
CA GLN B 109 -3.59 -9.46 6.63
C GLN B 109 -2.62 -9.79 5.51
N GLN B 110 -1.31 -9.79 5.84
CA GLN B 110 -0.20 -10.14 4.96
C GLN B 110 -0.33 -11.62 4.49
N THR B 111 -0.65 -12.55 5.42
CA THR B 111 -0.82 -13.96 5.08
C THR B 111 -2.03 -14.16 4.16
N THR B 112 -3.12 -13.41 4.40
CA THR B 112 -4.35 -13.54 3.60
C THR B 112 -4.15 -12.88 2.25
N SER B 113 -3.35 -11.79 2.18
CA SER B 113 -3.00 -11.08 0.95
C SER B 113 -2.18 -12.00 0.04
N GLY B 114 -1.21 -12.70 0.64
CA GLY B 114 -0.35 -13.65 -0.04
C GLY B 114 -1.18 -14.76 -0.63
N LEU B 115 -2.07 -15.34 0.20
CA LEU B 115 -2.99 -16.41 -0.19
C LEU B 115 -3.96 -15.94 -1.29
N ALA B 116 -4.51 -14.70 -1.17
CA ALA B 116 -5.46 -14.13 -2.14
C ALA B 116 -4.81 -13.99 -3.50
N HIS B 117 -3.50 -13.74 -3.52
CA HIS B 117 -2.74 -13.61 -4.75
C HIS B 117 -2.65 -14.97 -5.39
N LEU B 118 -2.35 -16.00 -4.58
CA LEU B 118 -2.25 -17.38 -5.08
C LEU B 118 -3.55 -17.81 -5.73
N HIS B 119 -4.66 -17.67 -5.00
CA HIS B 119 -6.00 -18.04 -5.45
C HIS B 119 -6.41 -17.39 -6.79
N SER B 120 -6.02 -16.11 -7.00
CA SER B 120 -6.30 -15.34 -8.21
C SER B 120 -5.53 -15.91 -9.41
N LEU B 121 -4.38 -16.54 -9.12
CA LEU B 121 -3.51 -17.14 -10.13
C LEU B 121 -3.93 -18.59 -10.40
N ASN B 122 -5.01 -19.01 -9.73
CA ASN B 122 -5.65 -20.33 -9.74
C ASN B 122 -4.79 -21.40 -9.01
N ILE B 123 -4.10 -20.97 -7.95
CA ILE B 123 -3.23 -21.87 -7.17
C ILE B 123 -3.79 -22.10 -5.77
N VAL B 124 -4.00 -23.39 -5.41
CA VAL B 124 -4.46 -23.82 -4.09
C VAL B 124 -3.20 -24.32 -3.37
N HIS B 125 -2.95 -23.88 -2.14
CA HIS B 125 -1.75 -24.26 -1.40
C HIS B 125 -1.80 -25.70 -0.89
N ARG B 126 -2.94 -26.10 -0.31
CA ARG B 126 -3.27 -27.41 0.26
C ARG B 126 -2.42 -27.80 1.47
N ASP B 127 -1.52 -26.90 1.94
CA ASP B 127 -0.66 -27.19 3.11
C ASP B 127 -0.36 -25.96 3.99
N LEU B 128 -1.22 -24.95 3.98
CA LEU B 128 -1.08 -23.74 4.80
C LEU B 128 -1.12 -24.07 6.27
N LYS B 129 -0.07 -23.67 6.99
CA LYS B 129 0.12 -23.95 8.41
C LYS B 129 1.17 -22.99 8.98
N PRO B 130 1.30 -22.82 10.33
CA PRO B 130 2.33 -21.91 10.87
C PRO B 130 3.77 -22.21 10.47
N HIS B 131 4.09 -23.51 10.24
CA HIS B 131 5.41 -23.99 9.84
C HIS B 131 5.89 -23.36 8.52
N ASN B 132 4.96 -23.18 7.54
CA ASN B 132 5.24 -22.58 6.22
C ASN B 132 5.00 -21.09 6.15
N ILE B 133 4.26 -20.49 7.10
CA ILE B 133 4.11 -19.04 7.06
C ILE B 133 5.40 -18.51 7.68
N LEU B 134 6.16 -17.70 6.93
CA LEU B 134 7.42 -17.19 7.45
C LEU B 134 7.38 -15.72 7.76
N ILE B 135 8.24 -15.28 8.70
CA ILE B 135 8.40 -13.91 9.18
C ILE B 135 9.71 -13.43 8.59
N SER B 136 9.65 -12.46 7.67
CA SER B 136 10.81 -11.88 7.00
C SER B 136 11.88 -11.25 7.94
N MET B 137 13.08 -11.05 7.39
CA MET B 137 14.18 -10.37 8.07
C MET B 137 13.82 -8.88 8.13
N PRO B 138 14.26 -8.10 9.15
CA PRO B 138 13.92 -6.67 9.14
C PRO B 138 14.66 -5.94 8.02
N ASN B 139 13.93 -5.18 7.17
CA ASN B 139 14.55 -4.43 6.08
C ASN B 139 15.26 -3.19 6.63
N ALA B 140 15.85 -2.35 5.78
CA ALA B 140 16.57 -1.17 6.22
C ALA B 140 15.74 -0.23 7.07
N HIS B 141 14.40 -0.22 6.87
CA HIS B 141 13.54 0.67 7.63
C HIS B 141 12.93 -0.05 8.83
N GLY B 142 13.50 -1.22 9.16
CA GLY B 142 13.16 -2.05 10.31
C GLY B 142 11.89 -2.89 10.23
N LYS B 143 11.14 -2.77 9.11
CA LYS B 143 9.88 -3.45 8.87
C LYS B 143 10.05 -4.94 8.65
N ILE B 144 9.15 -5.73 9.24
CA ILE B 144 9.08 -7.20 9.13
C ILE B 144 7.70 -7.54 8.56
N LYS B 145 7.62 -8.58 7.70
CA LYS B 145 6.36 -8.98 7.06
C LYS B 145 6.14 -10.52 7.02
N ALA B 146 4.87 -10.95 6.92
CA ALA B 146 4.60 -12.39 6.80
C ALA B 146 4.63 -12.80 5.31
N MET B 147 4.99 -14.07 5.01
CA MET B 147 5.04 -14.62 3.65
C MET B 147 4.56 -16.07 3.57
N ILE B 148 4.03 -16.48 2.40
CA ILE B 148 3.61 -17.88 2.17
C ILE B 148 4.84 -18.69 1.62
N SER B 149 4.97 -20.07 1.87
CA SER B 149 6.22 -20.72 1.43
C SER B 149 6.28 -22.21 0.94
N ASP B 150 5.40 -23.15 1.31
CA ASP B 150 5.65 -24.50 0.83
C ASP B 150 4.78 -24.88 -0.36
N PHE B 151 5.34 -24.66 -1.54
CA PHE B 151 4.65 -24.85 -2.83
C PHE B 151 4.64 -26.28 -3.40
N GLY B 152 5.23 -27.24 -2.69
CA GLY B 152 5.26 -28.63 -3.16
C GLY B 152 3.88 -29.26 -3.32
N LEU B 153 2.97 -28.89 -2.38
CA LEU B 153 1.57 -29.32 -2.31
C LEU B 153 0.64 -28.53 -3.23
N CYS B 154 1.00 -27.25 -3.54
CA CYS B 154 0.23 -26.36 -4.41
C CYS B 154 -0.20 -27.00 -5.75
N LYS B 155 -1.47 -26.84 -6.11
CA LYS B 155 -2.00 -27.37 -7.37
C LYS B 155 -2.55 -26.24 -8.20
N LYS B 156 -2.22 -26.25 -9.49
CA LYS B 156 -2.69 -25.28 -10.43
C LYS B 156 -4.04 -25.78 -10.91
N LEU B 157 -5.10 -25.08 -10.52
CA LEU B 157 -6.45 -25.41 -10.92
C LEU B 157 -6.75 -24.78 -12.29
N ALA B 158 -6.94 -25.60 -13.33
CA ALA B 158 -7.27 -25.03 -14.64
C ALA B 158 -8.77 -24.64 -14.62
N VAL B 159 -9.09 -23.42 -15.16
CA VAL B 159 -10.44 -22.84 -15.22
C VAL B 159 -11.39 -23.74 -16.07
N GLY B 160 -12.43 -24.33 -15.45
CA GLY B 160 -12.75 -24.22 -14.03
C GLY B 160 -13.71 -25.30 -13.56
N ARG B 161 -13.29 -26.11 -12.55
CA ARG B 161 -14.11 -27.22 -12.01
C ARG B 161 -14.31 -27.16 -10.48
N HIS B 162 -13.33 -27.64 -9.68
CA HIS B 162 -13.34 -27.69 -8.20
C HIS B 162 -11.94 -27.91 -7.61
N VAL B 170 -0.10 -38.68 0.41
CA VAL B 170 0.68 -37.47 0.71
C VAL B 170 -0.23 -36.14 0.58
N PRO B 171 -1.46 -36.07 1.17
CA PRO B 171 -2.27 -34.85 1.00
C PRO B 171 -1.96 -33.65 1.93
N GLY B 172 -0.99 -33.81 2.84
CA GLY B 172 -0.59 -32.75 3.77
C GLY B 172 -0.02 -33.22 5.09
N THR B 173 -0.17 -32.35 6.14
CA THR B 173 0.24 -32.60 7.54
C THR B 173 -0.97 -32.42 8.48
N GLU B 174 -1.27 -33.47 9.29
CA GLU B 174 -2.41 -33.57 10.21
C GLU B 174 -2.53 -32.42 11.20
N GLY B 175 -3.78 -32.05 11.46
CA GLY B 175 -4.13 -30.95 12.35
C GLY B 175 -4.56 -29.69 11.64
N TRP B 176 -4.13 -29.51 10.36
CA TRP B 176 -4.42 -28.32 9.55
C TRP B 176 -5.29 -28.63 8.31
N ILE B 177 -5.52 -29.93 8.02
CA ILE B 177 -6.30 -30.38 6.85
C ILE B 177 -7.79 -30.09 7.01
N ALA B 178 -8.38 -29.50 5.96
CA ALA B 178 -9.81 -29.22 5.84
C ALA B 178 -10.59 -30.54 5.86
N PRO B 179 -11.82 -30.57 6.45
CA PRO B 179 -12.55 -31.85 6.57
C PRO B 179 -12.86 -32.55 5.26
N GLU B 180 -13.24 -31.78 4.22
CA GLU B 180 -13.59 -32.26 2.88
C GLU B 180 -12.44 -32.98 2.16
N MET B 181 -11.18 -32.65 2.51
CA MET B 181 -10.00 -33.25 1.91
C MET B 181 -9.73 -34.70 2.35
N LEU B 182 -10.54 -35.20 3.30
CA LEU B 182 -10.43 -36.54 3.88
C LEU B 182 -11.70 -37.37 3.61
N SER B 183 -12.89 -36.83 3.97
CA SER B 183 -14.21 -37.43 3.73
C SER B 183 -14.46 -37.70 2.22
N PRO B 190 -13.09 -30.86 -2.96
CA PRO B 190 -12.21 -29.81 -2.39
C PRO B 190 -11.83 -28.71 -3.39
N THR B 191 -11.73 -27.47 -2.90
CA THR B 191 -11.38 -26.31 -3.74
C THR B 191 -10.53 -25.29 -2.92
N TYR B 192 -10.43 -24.03 -3.40
CA TYR B 192 -9.67 -22.96 -2.74
C TYR B 192 -10.05 -22.81 -1.25
N THR B 193 -11.31 -23.18 -0.89
CA THR B 193 -11.84 -23.09 0.47
C THR B 193 -11.12 -24.02 1.46
N VAL B 194 -10.26 -24.95 0.96
CA VAL B 194 -9.45 -25.80 1.84
C VAL B 194 -8.40 -24.93 2.56
N ASP B 195 -7.85 -23.91 1.84
CA ASP B 195 -6.86 -22.94 2.32
C ASP B 195 -7.49 -21.96 3.29
N ILE B 196 -8.81 -21.69 3.15
CA ILE B 196 -9.55 -20.79 4.03
C ILE B 196 -9.72 -21.44 5.40
N PHE B 197 -9.99 -22.75 5.44
CA PHE B 197 -10.13 -23.53 6.67
C PHE B 197 -8.81 -23.48 7.48
N SER B 198 -7.69 -23.84 6.81
CA SER B 198 -6.34 -23.86 7.36
C SER B 198 -5.97 -22.44 7.81
N ALA B 199 -6.39 -21.40 7.08
CA ALA B 199 -6.17 -20.01 7.45
C ALA B 199 -6.92 -19.67 8.76
N GLY B 200 -8.19 -20.09 8.85
CA GLY B 200 -9.03 -19.88 10.03
C GLY B 200 -8.41 -20.39 11.31
N CYS B 201 -7.74 -21.56 11.20
CA CYS B 201 -7.02 -22.22 12.29
C CYS B 201 -5.78 -21.43 12.66
N VAL B 202 -5.06 -20.92 11.65
CA VAL B 202 -3.84 -20.11 11.79
C VAL B 202 -4.20 -18.81 12.49
N PHE B 203 -5.32 -18.17 12.10
CA PHE B 203 -5.84 -16.92 12.71
C PHE B 203 -5.99 -17.07 14.20
N TYR B 204 -6.76 -18.10 14.65
CA TYR B 204 -6.99 -18.41 16.06
C TYR B 204 -5.68 -18.69 16.80
N TYR B 205 -4.77 -19.47 16.19
CA TYR B 205 -3.46 -19.82 16.73
C TYR B 205 -2.59 -18.59 17.04
N VAL B 206 -2.64 -17.53 16.18
CA VAL B 206 -1.84 -16.34 16.46
C VAL B 206 -2.54 -15.50 17.53
N ILE B 207 -3.87 -15.30 17.40
CA ILE B 207 -4.76 -14.57 18.31
C ILE B 207 -4.61 -15.15 19.76
N SER B 208 -4.84 -16.47 19.92
CA SER B 208 -4.78 -17.23 21.17
C SER B 208 -3.37 -17.46 21.71
N GLU B 209 -2.35 -17.11 20.90
CA GLU B 209 -0.92 -17.25 21.22
C GLU B 209 -0.48 -18.71 21.44
N GLY B 210 -1.09 -19.64 20.69
CA GLY B 210 -0.71 -21.05 20.77
C GLY B 210 -1.79 -22.10 20.58
N SER B 211 -3.03 -21.76 20.95
CA SER B 211 -4.18 -22.67 20.86
C SER B 211 -4.66 -22.88 19.41
N HIS B 212 -5.45 -23.92 19.19
CA HIS B 212 -5.99 -24.32 17.89
C HIS B 212 -7.47 -24.63 18.09
N PRO B 213 -8.37 -24.23 17.17
CA PRO B 213 -9.80 -24.52 17.37
C PRO B 213 -10.12 -25.99 17.68
N PHE B 214 -9.38 -26.93 17.06
CA PHE B 214 -9.60 -28.37 17.20
C PHE B 214 -8.72 -29.07 18.27
N GLY B 215 -8.20 -28.29 19.23
CA GLY B 215 -7.43 -28.79 20.37
C GLY B 215 -5.95 -29.07 20.16
N LYS B 216 -5.41 -30.01 20.97
CA LYS B 216 -4.02 -30.45 20.97
C LYS B 216 -3.62 -31.12 19.67
N SER B 217 -2.36 -30.93 19.23
CA SER B 217 -1.77 -31.47 17.99
C SER B 217 -2.24 -32.89 17.57
N LEU B 218 -2.31 -33.83 18.52
CA LEU B 218 -2.71 -35.21 18.21
C LEU B 218 -4.24 -35.45 18.09
N GLN B 219 -5.10 -34.61 18.70
CA GLN B 219 -6.55 -34.78 18.61
C GLN B 219 -7.17 -34.00 17.48
N ARG B 220 -6.52 -32.91 17.06
CA ARG B 220 -6.91 -31.98 16.02
C ARG B 220 -7.57 -32.56 14.80
N GLN B 221 -6.94 -33.52 14.08
CA GLN B 221 -7.54 -34.06 12.85
C GLN B 221 -8.77 -34.91 13.12
N ALA B 222 -8.75 -35.72 14.20
CA ALA B 222 -9.88 -36.53 14.63
C ALA B 222 -11.07 -35.60 14.96
N ASN B 223 -10.77 -34.46 15.61
CA ASN B 223 -11.73 -33.40 15.96
C ASN B 223 -12.29 -32.65 14.74
N ILE B 224 -11.45 -32.38 13.70
CA ILE B 224 -11.87 -31.76 12.43
C ILE B 224 -12.93 -32.67 11.76
N LEU B 225 -12.65 -33.98 11.72
CA LEU B 225 -13.55 -34.96 11.18
C LEU B 225 -14.86 -34.92 11.92
N LEU B 226 -14.83 -34.63 13.23
CA LEU B 226 -16.03 -34.59 14.05
C LEU B 226 -16.66 -33.20 14.16
N GLY B 227 -15.98 -32.19 13.64
CA GLY B 227 -16.43 -30.81 13.72
C GLY B 227 -16.50 -30.26 15.13
N ALA B 228 -15.75 -30.90 16.06
CA ALA B 228 -15.68 -30.54 17.46
C ALA B 228 -14.55 -29.56 17.65
N CYS B 229 -14.93 -28.31 17.86
CA CYS B 229 -13.96 -27.26 18.02
C CYS B 229 -14.33 -26.34 19.16
N SER B 230 -13.40 -25.48 19.53
CA SER B 230 -13.53 -24.52 20.60
C SER B 230 -12.73 -23.25 20.29
N LEU B 231 -13.40 -22.12 20.37
CA LEU B 231 -12.81 -20.81 20.17
C LEU B 231 -12.92 -20.09 21.52
N ASP B 232 -12.66 -20.83 22.61
CA ASP B 232 -12.83 -20.37 23.98
C ASP B 232 -11.84 -19.29 24.48
N CYS B 233 -10.77 -18.97 23.72
CA CYS B 233 -9.84 -17.88 24.06
C CYS B 233 -10.51 -16.51 23.78
N LEU B 234 -11.59 -16.54 22.99
CA LEU B 234 -12.40 -15.40 22.59
C LEU B 234 -13.58 -15.23 23.54
N HIS B 235 -13.61 -14.10 24.25
CA HIS B 235 -14.66 -13.74 25.20
C HIS B 235 -15.96 -13.40 24.44
N PRO B 236 -17.14 -13.85 24.94
CA PRO B 236 -18.40 -13.55 24.22
C PRO B 236 -18.88 -12.10 24.35
N GLU B 237 -18.39 -11.38 25.38
CA GLU B 237 -18.77 -9.99 25.61
C GLU B 237 -17.57 -9.00 25.56
N LYS B 238 -16.63 -9.23 24.64
CA LYS B 238 -15.47 -8.38 24.39
C LYS B 238 -15.44 -8.18 22.88
N HIS B 239 -15.82 -6.97 22.43
CA HIS B 239 -15.93 -6.56 21.03
C HIS B 239 -14.80 -7.05 20.12
N GLU B 240 -13.54 -6.89 20.57
CA GLU B 240 -12.33 -7.29 19.84
C GLU B 240 -12.36 -8.80 19.55
N ASP B 241 -12.74 -9.59 20.57
CA ASP B 241 -12.84 -11.06 20.52
C ASP B 241 -14.07 -11.51 19.76
N VAL B 242 -15.18 -10.77 19.86
CA VAL B 242 -16.48 -11.03 19.22
C VAL B 242 -16.33 -10.93 17.69
N ILE B 243 -15.71 -9.85 17.21
CA ILE B 243 -15.45 -9.58 15.80
C ILE B 243 -14.55 -10.67 15.23
N ALA B 244 -13.52 -11.08 16.01
CA ALA B 244 -12.59 -12.13 15.67
C ALA B 244 -13.31 -13.47 15.53
N ARG B 245 -14.22 -13.79 16.46
CA ARG B 245 -14.98 -15.04 16.44
C ARG B 245 -15.82 -15.17 15.17
N GLU B 246 -16.60 -14.11 14.83
CA GLU B 246 -17.44 -14.00 13.65
C GLU B 246 -16.71 -14.56 12.44
N LEU B 247 -15.56 -13.96 12.11
CA LEU B 247 -14.69 -14.34 10.98
C LEU B 247 -14.20 -15.78 11.06
N ILE B 248 -13.47 -16.14 12.13
CA ILE B 248 -12.91 -17.47 12.37
C ILE B 248 -13.98 -18.57 12.23
N GLU B 249 -15.16 -18.40 12.87
CA GLU B 249 -16.27 -19.37 12.81
C GLU B 249 -16.68 -19.72 11.38
N LYS B 250 -16.82 -18.69 10.51
CA LYS B 250 -17.19 -18.83 9.10
C LYS B 250 -16.05 -19.45 8.29
N MET B 251 -14.81 -19.10 8.63
CA MET B 251 -13.60 -19.62 7.98
C MET B 251 -13.41 -21.12 8.25
N ILE B 252 -13.71 -21.60 9.49
CA ILE B 252 -13.55 -23.01 9.87
C ILE B 252 -14.90 -23.78 9.80
N ALA B 253 -15.82 -23.36 8.93
CA ALA B 253 -17.12 -24.00 8.74
C ALA B 253 -16.92 -25.38 8.10
N MET B 254 -17.64 -26.40 8.60
CA MET B 254 -17.56 -27.76 8.08
C MET B 254 -18.03 -27.87 6.61
N ASP B 255 -18.90 -26.92 6.16
CA ASP B 255 -19.40 -26.83 4.79
C ASP B 255 -18.56 -25.81 4.00
N PRO B 256 -17.79 -26.25 2.97
CA PRO B 256 -16.93 -25.32 2.21
C PRO B 256 -17.68 -24.14 1.58
N GLN B 257 -18.94 -24.37 1.20
CA GLN B 257 -19.85 -23.39 0.59
C GLN B 257 -20.13 -22.22 1.53
N LYS B 258 -20.05 -22.45 2.85
CA LYS B 258 -20.32 -21.45 3.87
C LYS B 258 -19.07 -20.62 4.21
N ARG B 259 -17.89 -21.07 3.76
CA ARG B 259 -16.61 -20.39 3.98
C ARG B 259 -16.44 -19.14 3.11
N PRO B 260 -15.96 -18.01 3.68
CA PRO B 260 -15.74 -16.82 2.86
C PRO B 260 -14.49 -16.99 2.00
N SER B 261 -14.42 -16.29 0.84
CA SER B 261 -13.25 -16.34 -0.04
C SER B 261 -12.14 -15.48 0.55
N ALA B 262 -10.92 -15.61 0.03
CA ALA B 262 -9.77 -14.82 0.50
C ALA B 262 -10.05 -13.31 0.48
N LYS B 263 -10.63 -12.80 -0.63
CA LYS B 263 -11.01 -11.38 -0.78
C LYS B 263 -12.13 -10.97 0.20
N HIS B 264 -12.98 -11.93 0.60
CA HIS B 264 -14.04 -11.68 1.55
C HIS B 264 -13.45 -11.49 2.93
N VAL B 265 -12.45 -12.33 3.29
CA VAL B 265 -11.75 -12.28 4.58
C VAL B 265 -11.06 -10.92 4.78
N LEU B 266 -10.38 -10.39 3.71
CA LEU B 266 -9.65 -9.13 3.76
C LEU B 266 -10.53 -7.90 4.00
N LYS B 267 -11.85 -8.01 3.70
CA LYS B 267 -12.81 -6.91 3.88
C LYS B 267 -13.53 -6.95 5.26
N HIS B 268 -13.34 -8.02 6.05
CA HIS B 268 -13.96 -8.23 7.36
C HIS B 268 -13.53 -7.19 8.38
N PRO B 269 -14.49 -6.75 9.25
CA PRO B 269 -14.17 -5.76 10.30
C PRO B 269 -12.95 -6.05 11.17
N PHE B 270 -12.54 -7.33 11.26
CA PHE B 270 -11.38 -7.81 12.01
C PHE B 270 -10.15 -7.02 11.61
N PHE B 271 -10.06 -6.66 10.32
CA PHE B 271 -8.95 -5.91 9.75
C PHE B 271 -9.10 -4.35 9.79
N TRP B 272 -10.31 -3.84 10.09
CA TRP B 272 -10.63 -2.40 10.15
C TRP B 272 -10.03 -1.64 11.30
N SER B 273 -9.58 -0.39 11.01
CA SER B 273 -9.06 0.57 11.98
C SER B 273 -10.24 1.15 12.78
N LEU B 274 -9.96 1.83 13.91
CA LEU B 274 -11.03 2.42 14.74
C LEU B 274 -11.78 3.50 13.96
N GLU B 275 -11.07 4.23 13.09
CA GLU B 275 -11.67 5.26 12.22
C GLU B 275 -12.64 4.61 11.25
N LYS B 276 -12.21 3.52 10.55
CA LYS B 276 -13.03 2.75 9.60
C LYS B 276 -14.29 2.22 10.30
N GLN B 277 -14.11 1.64 11.51
CA GLN B 277 -15.15 1.09 12.38
C GLN B 277 -16.24 2.13 12.67
N LEU B 278 -15.82 3.38 12.98
CA LEU B 278 -16.72 4.50 13.24
C LEU B 278 -17.38 4.97 11.95
N GLN B 279 -16.59 5.08 10.87
CA GLN B 279 -17.07 5.49 9.55
C GLN B 279 -18.16 4.59 9.04
N PHE B 280 -18.07 3.29 9.37
CA PHE B 280 -19.07 2.31 8.98
C PHE B 280 -20.40 2.61 9.68
N PHE B 281 -20.34 3.01 10.97
CA PHE B 281 -21.52 3.37 11.75
C PHE B 281 -22.18 4.64 11.24
N GLN B 282 -21.38 5.58 10.68
CA GLN B 282 -21.88 6.82 10.10
C GLN B 282 -22.64 6.43 8.82
N ASP B 283 -21.93 5.79 7.87
CA ASP B 283 -22.44 5.31 6.57
C ASP B 283 -23.72 4.47 6.65
N VAL B 284 -23.84 3.60 7.67
CA VAL B 284 -25.04 2.78 7.84
C VAL B 284 -26.21 3.64 8.36
N SER B 285 -25.99 4.44 9.44
CA SER B 285 -27.03 5.31 10.02
C SER B 285 -27.45 6.45 9.08
N ASP B 286 -26.59 6.78 8.10
CA ASP B 286 -26.87 7.77 7.07
C ASP B 286 -27.73 7.07 6.00
N ARG B 287 -27.44 5.78 5.72
CA ARG B 287 -28.18 4.96 4.75
C ARG B 287 -29.62 4.68 5.27
N ILE B 288 -29.74 4.30 6.56
CA ILE B 288 -30.96 3.92 7.29
C ILE B 288 -31.99 5.07 7.34
N GLU B 289 -31.52 6.29 7.68
CA GLU B 289 -32.34 7.48 7.77
C GLU B 289 -32.33 8.18 6.40
N LYS B 290 -33.47 8.21 5.66
CA LYS B 290 -34.79 7.72 6.05
C LYS B 290 -35.34 6.59 5.16
N GLU B 291 -35.69 5.51 5.82
CA GLU B 291 -36.30 4.28 5.32
C GLU B 291 -37.11 3.74 6.51
N SER B 292 -38.33 3.24 6.28
CA SER B 292 -39.15 2.75 7.38
C SER B 292 -39.24 1.23 7.48
N LEU B 293 -39.99 0.73 8.47
CA LEU B 293 -40.33 -0.67 8.70
C LEU B 293 -41.88 -0.74 8.64
N ASP B 294 -42.50 -1.42 7.63
CA ASP B 294 -41.96 -2.26 6.55
C ASP B 294 -40.79 -1.68 5.71
N GLY B 295 -39.74 -2.49 5.60
CA GLY B 295 -38.51 -2.25 4.83
C GLY B 295 -37.50 -3.36 5.05
N PRO B 296 -37.15 -4.19 4.03
CA PRO B 296 -36.23 -5.33 4.24
C PRO B 296 -34.86 -5.04 4.84
N ILE B 297 -34.42 -3.76 4.85
CA ILE B 297 -33.14 -3.35 5.41
C ILE B 297 -33.30 -3.10 6.93
N VAL B 298 -34.34 -2.31 7.31
CA VAL B 298 -34.64 -1.97 8.70
C VAL B 298 -35.01 -3.22 9.51
N LYS B 299 -35.91 -4.07 8.96
CA LYS B 299 -36.35 -5.31 9.61
C LYS B 299 -35.20 -6.30 9.84
N GLN B 300 -34.25 -6.41 8.89
CA GLN B 300 -33.08 -7.30 8.99
C GLN B 300 -32.15 -6.81 10.10
N LEU B 301 -32.03 -5.47 10.23
CA LEU B 301 -31.20 -4.82 11.26
C LEU B 301 -31.89 -4.91 12.61
N GLU B 302 -33.23 -4.84 12.63
CA GLU B 302 -33.95 -4.95 13.89
C GLU B 302 -34.08 -6.39 14.37
N ARG B 303 -33.87 -7.37 13.45
CA ARG B 303 -33.91 -8.81 13.71
C ARG B 303 -32.81 -9.25 14.67
N GLY B 304 -33.22 -9.40 15.93
CA GLY B 304 -32.43 -9.93 17.03
C GLY B 304 -31.47 -9.01 17.76
N GLY B 305 -31.94 -7.83 18.13
CA GLY B 305 -31.10 -6.90 18.89
C GLY B 305 -31.73 -5.55 19.12
N ARG B 306 -32.57 -5.34 20.19
CA ARG B 306 -33.04 -6.20 21.30
C ARG B 306 -31.90 -6.56 22.30
N ALA B 307 -31.29 -7.74 22.17
CA ALA B 307 -30.20 -8.25 23.01
C ALA B 307 -28.87 -7.52 22.75
N VAL B 308 -28.62 -7.10 21.49
CA VAL B 308 -27.41 -6.37 21.02
C VAL B 308 -27.34 -5.01 21.74
N VAL B 309 -28.52 -4.35 21.95
CA VAL B 309 -28.64 -3.06 22.64
C VAL B 309 -28.85 -3.24 24.15
N LYS B 310 -28.98 -4.49 24.62
CA LYS B 310 -29.17 -4.86 26.03
C LYS B 310 -30.50 -4.32 26.58
N MET B 311 -31.61 -4.55 25.82
CA MET B 311 -32.99 -4.12 26.12
C MET B 311 -33.17 -2.60 26.01
N ASP B 312 -32.42 -1.82 26.81
CA ASP B 312 -32.41 -0.36 26.79
C ASP B 312 -30.97 0.10 26.85
N TRP B 313 -30.48 0.67 25.73
CA TRP B 313 -29.11 1.17 25.61
C TRP B 313 -28.82 2.32 26.59
N ARG B 314 -29.87 3.06 26.97
CA ARG B 314 -29.82 4.26 27.82
C ARG B 314 -29.33 4.00 29.24
N GLU B 315 -29.69 2.83 29.85
CA GLU B 315 -29.24 2.46 31.21
C GLU B 315 -27.88 1.71 31.18
N ASN B 316 -27.35 1.46 29.96
CA ASN B 316 -26.06 0.84 29.68
C ASN B 316 -25.15 1.90 29.00
N ILE B 317 -25.29 3.18 29.43
CA ILE B 317 -24.55 4.35 28.96
C ILE B 317 -24.09 5.20 30.19
N THR B 318 -23.07 6.10 30.03
CA THR B 318 -22.58 6.95 31.13
C THR B 318 -23.59 7.98 31.62
N VAL B 319 -23.56 8.26 32.95
CA VAL B 319 -24.41 9.23 33.68
C VAL B 319 -24.43 10.63 32.98
N PRO B 320 -23.28 11.26 32.57
CA PRO B 320 -23.37 12.56 31.89
C PRO B 320 -23.95 12.50 30.47
N LEU B 321 -23.80 11.36 29.74
CA LEU B 321 -24.35 11.22 28.37
C LEU B 321 -25.86 11.04 28.37
N GLN B 322 -26.39 10.18 29.27
CA GLN B 322 -27.84 9.93 29.35
C GLN B 322 -28.63 11.22 29.67
N THR B 323 -28.01 12.17 30.41
CA THR B 323 -28.60 13.48 30.73
C THR B 323 -28.66 14.37 29.49
N ASP B 324 -27.71 14.19 28.55
CA ASP B 324 -27.60 14.94 27.30
C ASP B 324 -28.60 14.45 26.25
N LEU B 325 -28.89 13.13 26.19
CA LEU B 325 -29.83 12.60 25.19
C LEU B 325 -31.30 12.71 25.62
N ARG B 326 -31.57 13.34 26.79
CA ARG B 326 -32.92 13.61 27.30
C ARG B 326 -33.64 14.65 26.42
N LYS B 327 -32.88 15.64 25.90
CA LYS B 327 -33.35 16.75 25.06
C LYS B 327 -33.84 16.35 23.66
N PHE B 328 -32.97 15.72 22.85
CA PHE B 328 -33.27 15.38 21.45
C PHE B 328 -34.01 14.04 21.23
N ARG B 329 -34.25 13.26 22.28
CA ARG B 329 -34.91 11.97 22.11
C ARG B 329 -35.87 11.59 23.26
N THR B 330 -37.08 10.96 23.02
CA THR B 330 -37.77 10.47 21.80
C THR B 330 -37.07 9.15 21.26
N TYR B 331 -36.06 8.65 21.99
CA TYR B 331 -35.24 7.45 21.75
C TYR B 331 -36.08 6.18 21.81
N LYS B 332 -35.63 5.12 21.11
CA LYS B 332 -36.37 3.86 21.12
C LYS B 332 -35.92 2.91 22.22
N GLY B 333 -34.62 2.91 22.53
CA GLY B 333 -34.04 2.08 23.57
C GLY B 333 -33.66 0.70 23.07
N GLY B 334 -34.60 0.02 22.42
CA GLY B 334 -34.44 -1.32 21.86
C GLY B 334 -34.12 -1.36 20.38
N SER B 335 -33.81 -0.19 19.76
CA SER B 335 -33.50 -0.07 18.34
C SER B 335 -32.04 0.24 18.04
N VAL B 336 -31.44 -0.61 17.19
CA VAL B 336 -30.08 -0.49 16.67
C VAL B 336 -30.04 0.68 15.69
N ARG B 337 -31.19 0.98 15.02
CA ARG B 337 -31.35 2.10 14.09
C ARG B 337 -31.20 3.40 14.87
N ASP B 338 -31.86 3.46 16.04
CA ASP B 338 -31.90 4.60 16.93
C ASP B 338 -30.62 4.79 17.78
N LEU B 339 -29.86 3.71 18.08
CA LEU B 339 -28.58 3.80 18.81
C LEU B 339 -27.51 4.36 17.88
N LEU B 340 -27.50 3.93 16.60
CA LEU B 340 -26.55 4.40 15.58
C LEU B 340 -26.91 5.83 15.13
N ARG B 341 -28.23 6.21 15.14
CA ARG B 341 -28.70 7.55 14.80
C ARG B 341 -28.29 8.54 15.90
N ALA B 342 -28.17 8.04 17.14
CA ALA B 342 -27.71 8.81 18.29
C ALA B 342 -26.20 9.00 18.16
N MET B 343 -25.49 7.93 17.74
CA MET B 343 -24.04 7.90 17.53
C MET B 343 -23.62 8.88 16.43
N ARG B 344 -24.40 8.90 15.33
CA ARG B 344 -24.18 9.80 14.18
C ARG B 344 -24.36 11.26 14.59
N ASN B 345 -25.42 11.55 15.38
CA ASN B 345 -25.77 12.87 15.90
C ASN B 345 -24.71 13.40 16.86
N LYS B 346 -24.06 12.51 17.63
CA LYS B 346 -23.04 12.90 18.58
C LYS B 346 -21.66 13.04 17.93
N LYS B 347 -21.42 12.30 16.84
CA LYS B 347 -20.16 12.37 16.09
C LYS B 347 -20.14 13.66 15.28
N HIS B 348 -21.26 13.98 14.59
CA HIS B 348 -21.45 15.16 13.76
C HIS B 348 -21.30 16.43 14.61
N HIS B 349 -22.19 16.62 15.60
CA HIS B 349 -22.20 17.79 16.48
C HIS B 349 -21.22 17.71 17.68
N TYR B 350 -20.09 16.96 17.53
CA TYR B 350 -19.10 16.73 18.59
C TYR B 350 -18.51 18.02 19.20
N ARG B 351 -18.04 18.97 18.37
CA ARG B 351 -17.49 20.23 18.89
C ARG B 351 -18.59 21.21 19.36
N GLU B 352 -19.85 20.99 18.90
CA GLU B 352 -21.06 21.76 19.24
C GLU B 352 -21.73 21.20 20.53
N LEU B 353 -21.02 20.31 21.26
CA LEU B 353 -21.46 19.64 22.50
C LEU B 353 -20.65 20.09 23.73
N PRO B 354 -21.23 20.05 24.96
CA PRO B 354 -20.46 20.46 26.16
C PRO B 354 -19.23 19.61 26.45
N ALA B 355 -18.27 20.19 27.22
CA ALA B 355 -17.01 19.56 27.61
C ALA B 355 -17.19 18.31 28.47
N GLU B 356 -18.23 18.30 29.33
CA GLU B 356 -18.59 17.19 30.22
C GLU B 356 -18.91 15.90 29.43
N VAL B 357 -19.71 16.03 28.36
CA VAL B 357 -20.08 14.88 27.53
C VAL B 357 -18.94 14.47 26.59
N ARG B 358 -18.14 15.42 26.08
CA ARG B 358 -17.03 15.04 25.20
C ARG B 358 -15.81 14.50 25.98
N GLU B 359 -15.80 14.67 27.32
CA GLU B 359 -14.74 14.14 28.18
C GLU B 359 -15.00 12.64 28.46
N THR B 360 -16.27 12.27 28.75
CA THR B 360 -16.73 10.89 28.99
C THR B 360 -16.80 10.05 27.70
N LEU B 361 -16.91 10.72 26.53
CA LEU B 361 -17.02 10.08 25.22
C LEU B 361 -15.75 10.11 24.37
N GLY B 362 -15.19 11.30 24.17
CA GLY B 362 -14.01 11.50 23.35
C GLY B 362 -12.70 10.92 23.88
N SER B 363 -11.58 11.17 23.18
CA SER B 363 -11.46 11.98 21.97
C SER B 363 -11.77 11.23 20.67
N LEU B 364 -12.46 11.92 19.74
CA LEU B 364 -12.86 11.44 18.42
C LEU B 364 -11.62 11.22 17.51
N PRO B 365 -11.50 10.12 16.70
CA PRO B 365 -12.44 9.01 16.51
C PRO B 365 -12.24 7.78 17.40
N ASP B 366 -10.96 7.46 17.74
CA ASP B 366 -10.50 6.29 18.49
C ASP B 366 -11.27 6.01 19.77
N ASP B 367 -11.20 6.92 20.75
CA ASP B 367 -11.85 6.76 22.06
C ASP B 367 -13.39 6.89 21.97
N PHE B 368 -13.90 7.55 20.92
CA PHE B 368 -15.32 7.76 20.66
C PHE B 368 -16.01 6.45 20.32
N VAL B 369 -15.56 5.79 19.21
CA VAL B 369 -16.08 4.50 18.72
C VAL B 369 -16.00 3.40 19.80
N CYS B 370 -14.87 3.34 20.54
CA CYS B 370 -14.59 2.38 21.60
C CYS B 370 -15.53 2.50 22.78
N TYR B 371 -16.06 3.71 23.05
CA TYR B 371 -17.02 4.00 24.11
C TYR B 371 -18.31 3.16 23.94
N PHE B 372 -18.74 2.95 22.69
CA PHE B 372 -19.92 2.16 22.35
C PHE B 372 -19.58 0.69 22.11
N THR B 373 -18.39 0.38 21.51
CA THR B 373 -17.96 -1.01 21.24
C THR B 373 -17.74 -1.80 22.55
N SER B 374 -17.22 -1.11 23.60
CA SER B 374 -17.00 -1.68 24.93
C SER B 374 -18.34 -1.96 25.62
N ARG B 375 -19.26 -0.97 25.60
CA ARG B 375 -20.58 -1.01 26.23
C ARG B 375 -21.61 -1.89 25.47
N PHE B 376 -21.42 -2.13 24.14
CA PHE B 376 -22.27 -2.99 23.30
C PHE B 376 -21.36 -3.83 22.38
N PRO B 377 -20.81 -4.96 22.90
CA PRO B 377 -19.84 -5.75 22.11
C PRO B 377 -20.39 -6.43 20.85
N HIS B 378 -21.72 -6.46 20.68
CA HIS B 378 -22.36 -7.10 19.53
C HIS B 378 -22.83 -6.11 18.46
N LEU B 379 -22.62 -4.80 18.69
CA LEU B 379 -23.05 -3.75 17.77
C LEU B 379 -22.41 -3.85 16.38
N LEU B 380 -21.07 -3.90 16.28
CA LEU B 380 -20.45 -3.97 14.96
C LEU B 380 -20.71 -5.33 14.25
N ALA B 381 -20.52 -6.45 14.98
CA ALA B 381 -20.78 -7.80 14.46
C ALA B 381 -22.21 -7.98 13.92
N HIS B 382 -23.22 -7.50 14.66
CA HIS B 382 -24.62 -7.56 14.25
C HIS B 382 -24.88 -6.67 13.05
N THR B 383 -24.53 -5.37 13.14
CA THR B 383 -24.76 -4.38 12.06
C THR B 383 -24.11 -4.84 10.76
N TYR B 384 -22.85 -5.33 10.84
CA TYR B 384 -22.10 -5.78 9.67
C TYR B 384 -22.79 -6.90 8.88
N ARG B 385 -23.17 -8.02 9.56
CA ARG B 385 -23.80 -9.12 8.82
C ARG B 385 -25.26 -8.82 8.46
N ALA B 386 -25.88 -7.83 9.13
CA ALA B 386 -27.23 -7.40 8.80
C ALA B 386 -27.16 -6.53 7.54
N MET B 387 -26.30 -5.50 7.53
CA MET B 387 -26.11 -4.55 6.42
C MET B 387 -25.48 -5.16 5.16
N GLU B 388 -25.25 -6.49 5.16
CA GLU B 388 -24.73 -7.26 4.03
C GLU B 388 -25.69 -7.19 2.80
N LEU B 389 -26.92 -6.68 3.02
CA LEU B 389 -27.95 -6.49 2.00
C LEU B 389 -27.56 -5.41 0.98
N CYS B 390 -26.77 -4.41 1.43
CA CYS B 390 -26.27 -3.29 0.63
C CYS B 390 -24.85 -3.53 0.11
N SER B 391 -24.38 -4.81 0.12
CA SER B 391 -23.06 -5.26 -0.34
C SER B 391 -22.69 -4.83 -1.77
N HIS B 392 -23.70 -4.54 -2.61
CA HIS B 392 -23.57 -4.15 -4.00
C HIS B 392 -23.44 -2.64 -4.19
N GLU B 393 -23.98 -1.84 -3.25
CA GLU B 393 -23.98 -0.37 -3.27
C GLU B 393 -22.60 0.27 -3.29
N ARG B 394 -22.47 1.39 -4.03
CA ARG B 394 -21.25 2.21 -4.19
C ARG B 394 -20.67 2.62 -2.83
N LEU B 395 -21.55 3.01 -1.88
CA LEU B 395 -21.23 3.45 -0.52
C LEU B 395 -20.59 2.35 0.32
N PHE B 396 -21.03 1.10 0.12
CA PHE B 396 -20.58 -0.05 0.91
C PHE B 396 -19.52 -0.94 0.23
N GLN B 397 -18.83 -0.42 -0.83
CA GLN B 397 -17.72 -1.12 -1.48
C GLN B 397 -16.50 -1.23 -0.55
N PRO B 398 -16.15 -0.21 0.31
CA PRO B 398 -14.98 -0.38 1.19
C PRO B 398 -15.19 -1.31 2.40
N TYR B 399 -16.42 -1.80 2.63
CA TYR B 399 -16.78 -2.65 3.76
C TYR B 399 -17.03 -4.11 3.42
N TYR B 400 -17.52 -4.39 2.21
CA TYR B 400 -17.82 -5.77 1.78
C TYR B 400 -17.11 -6.11 0.47
N PHE B 401 -17.24 -7.38 0.02
CA PHE B 401 -16.67 -7.79 -1.26
C PHE B 401 -17.74 -8.22 -2.26
#